data_9KVG
#
_entry.id   9KVG
#
_cell.length_a   1.00
_cell.length_b   1.00
_cell.length_c   1.00
_cell.angle_alpha   90.00
_cell.angle_beta   90.00
_cell.angle_gamma   90.00
#
_symmetry.space_group_name_H-M   'P 1'
#
loop_
_entity.id
_entity.type
_entity.pdbx_description
1 polymer 'Guanine nucleotide-binding protein G(i) subunit alpha-1'
2 polymer 'Guanine nucleotide-binding protein G(I)/G(S)/G(T) subunit beta-1'
3 polymer SCFV16
4 polymer 'Guanine nucleotide-binding protein G(I)/G(S)/G(O) subunit gamma-2'
5 polymer '5-hydroxytryptamine receptor 1A'
6 non-polymer 2-(5-methoxy-1H-indol-3-yl)-N,N-dimethylethan-1-amine
7 non-polymer 'GLYCOCHENODEOXYCHOLIC ACID'
8 non-polymer 'CHOLESTEROL HEMISUCCINATE'
9 non-polymer '[(2R)-1-[oxidanyl-[(2R,3R,5S,6R)-2,3,5,6-tetrakis(oxidanyl)-4-phosphonooxy-cyclohexyl]oxy-phosphoryl]oxy-3-tetradecanoyloxy-propan-2-yl] (5E,8E)-hexadeca-5,8,11,14-tetraenoate'
10 water water
#
loop_
_entity_poly.entity_id
_entity_poly.type
_entity_poly.pdbx_seq_one_letter_code
_entity_poly.pdbx_strand_id
1 'polypeptide(L)'
;MGCTLSAEDKAAVERSKMIDRNLREDGEKAAREVKLLLLGAGESGKNTIVKQMKIIHEAGYSEEECKQYKAVVYSNTIQS
IIAIIRAMGRLKIDFGDSARADDARQLFVLAGAAEEGFMTAELAGVIKRLWKDSGVQACFNRSREYQLNDSAAYYLNDLD
RIAQPNYIPTQQDVLRTRVKTTGIVETHFTFKDLHFKMFDVGAQRSERKKWIHCFEGVTAIIFCVALSDYDLVLADEAEM
NRMHASMKLFDSICNNKWFTDTSIILFLNKKDLFEEKIKKSPLTICYPEYAGSNTYEEAAAYIQCQFEDLNKRKDTKEIY
THFTCSTDTKNVQFVFDAVTDVIIKNNLKDCGLF
;
A
2 'polypeptide(L)'
;GSLLQSELDQLRQEAEQLKNQIRDARKACADATLSQITNNIDPVGRIQMRTRRTLRGHLAKIYAMHWGTDSRLLVSASQD
GKLIIWDSYTTNKVHAIPLRSSWVMTCAYAPSGNYVACGGLDNICSIYNLKTREGNVRVSRELAGHTGYLSCCRFLDDNQ
IVTSSGDTTCALWDIETGQQTTTFTGHTGDVMSLSLAPDTRLFVSGACDASAKLWDVREGMCRQTFTGHESDINAICFFP
NGNAFATGSDDATCRLFDLRADQELMTYSHDNIICGITSVSFSKSGRLLLAGYDDFNCNVWDALKADRAGVLAGHDNRVS
CLGVTDDGMAVATGSWDSFLKIWN
;
B
3 'polypeptide(L)'
;VQLVESGGGLVQPGGSRKLSCSASGFAFSSFGMHWVRQAPEKGLEWVAYISSGSGTIYYADTVKGRFTISRDDPKNTLFL
QMTSLRSEDTAMYYCVRSIYYYGSSPFDFWGQGTTLTVSAGGGGSGGGGSGGGGSADIVMTQATSSVPVTPGESVSISCR
SSKSLLHSNGNTYLYWFLQRPGQSPQLLIYRMSNLASGVPDRFSGSGSGTAFTLTISRLEAEDVGVYYCMQHLEYPLTFG
AGTKLEL
;
E
4 'polypeptide(L)' MASNNTASIAQARKLVEQLKMEANIDRIKVSKAAADLMAYCEAHAKEDPLLTPVPASENPFREKKFFCAIL G
5 'polypeptide(L)'
;TTGISDVTVSYQVITSLLLGTLIFCAVLGNACVVAAIALERSLQNVANYLIGSLAVTDLMVSVLVLPMAALYQVLNKWTL
GQVTCDLFIALDVLCCTSSIWHLCAIALDRYWAITDPIDYVNKRTPRRAAALISLTWLIGFLISIPPMLGWRTPEDRSDP
DACTISKDHGYTIYSTFGAFYIPLLLMLVLYGRIFRAARFRIRKTVKKVEKTGADTRHGASPAPQPKKSVNGESGSRNWR
LGVESKAGGALCANGAVRQGDDGAALEVIEVHRVGNSKEHLPLPSEAGPTPCAPASFERKNERNAEAKRKMALARERKTV
KTLGIIMGTFILCWLPFFIVALVLPFCESSCHMPTLLGAIINWLGYSNSLLNPVIYAYFNKDFQNAFKKIIKCKFCRQ
;
R
#
# COMPACT_ATOMS: atom_id res chain seq x y z
N CYS A 3 -3.25 -29.47 -8.06
CA CYS A 3 -3.67 -28.09 -7.69
C CYS A 3 -5.19 -27.99 -7.59
N THR A 4 -5.67 -27.20 -6.64
CA THR A 4 -7.11 -27.04 -6.45
C THR A 4 -7.70 -25.97 -7.35
N LEU A 5 -6.88 -25.04 -7.83
CA LEU A 5 -7.38 -23.95 -8.67
C LEU A 5 -7.88 -24.49 -10.01
N SER A 6 -8.90 -23.84 -10.54
CA SER A 6 -9.45 -24.20 -11.83
C SER A 6 -8.72 -23.46 -12.95
N ALA A 7 -9.22 -23.63 -14.17
CA ALA A 7 -8.61 -22.99 -15.32
C ALA A 7 -8.64 -21.46 -15.20
N GLU A 8 -9.78 -20.91 -14.80
CA GLU A 8 -9.92 -19.46 -14.73
C GLU A 8 -9.21 -18.90 -13.50
N ASP A 9 -9.13 -19.68 -12.41
CA ASP A 9 -8.48 -19.20 -11.21
C ASP A 9 -7.00 -18.95 -11.44
N LYS A 10 -6.33 -19.82 -12.22
CA LYS A 10 -4.92 -19.61 -12.52
C LYS A 10 -4.70 -18.34 -13.32
N ALA A 11 -5.55 -18.07 -14.30
CA ALA A 11 -5.46 -16.82 -15.05
C ALA A 11 -5.73 -15.60 -14.17
N ALA A 12 -6.68 -15.72 -13.24
CA ALA A 12 -6.93 -14.63 -12.30
C ALA A 12 -5.71 -14.38 -11.43
N VAL A 13 -5.05 -15.44 -10.97
CA VAL A 13 -3.84 -15.28 -10.16
C VAL A 13 -2.73 -14.64 -11.00
N GLU A 14 -2.64 -15.03 -12.27
CA GLU A 14 -1.63 -14.43 -13.14
C GLU A 14 -1.88 -12.93 -13.29
N ARG A 15 -3.14 -12.55 -13.51
CA ARG A 15 -3.48 -11.13 -13.60
C ARG A 15 -3.16 -10.40 -12.30
N SER A 16 -3.45 -11.04 -11.16
CA SER A 16 -3.18 -10.42 -9.87
C SER A 16 -1.68 -10.17 -9.69
N LYS A 17 -0.85 -11.14 -10.06
CA LYS A 17 0.59 -10.95 -9.89
C LYS A 17 1.16 -9.98 -10.91
N MET A 18 0.56 -9.90 -12.10
CA MET A 18 0.94 -8.84 -13.03
C MET A 18 0.62 -7.47 -12.46
N ILE A 19 -0.54 -7.34 -11.83
CA ILE A 19 -0.89 -6.08 -11.16
C ILE A 19 0.09 -5.80 -10.04
N ASP A 20 0.50 -6.84 -9.32
CA ASP A 20 1.50 -6.65 -8.26
C ASP A 20 2.81 -6.11 -8.84
N ARG A 21 3.25 -6.69 -9.96
CA ARG A 21 4.48 -6.21 -10.59
C ARG A 21 4.34 -4.75 -11.02
N ASN A 22 3.20 -4.40 -11.63
CA ASN A 22 3.00 -3.03 -12.08
C ASN A 22 2.99 -2.06 -10.90
N LEU A 23 2.31 -2.44 -9.81
CA LEU A 23 2.27 -1.59 -8.63
C LEU A 23 3.66 -1.41 -8.03
N ARG A 24 4.44 -2.49 -7.96
CA ARG A 24 5.79 -2.39 -7.42
C ARG A 24 6.66 -1.48 -8.28
N GLU A 25 6.55 -1.62 -9.61
CA GLU A 25 7.31 -0.77 -10.50
C GLU A 25 6.94 0.69 -10.32
N ASP A 26 5.64 0.98 -10.25
CA ASP A 26 5.20 2.36 -10.09
C ASP A 26 5.64 2.94 -8.75
N GLY A 27 5.57 2.13 -7.69
CA GLY A 27 6.03 2.59 -6.39
C GLY A 27 7.53 2.86 -6.36
N GLU A 28 8.32 1.99 -6.99
CA GLU A 28 9.75 2.24 -7.09
C GLU A 28 10.04 3.51 -7.87
N LYS A 29 9.31 3.73 -8.96
CA LYS A 29 9.50 4.94 -9.75
C LYS A 29 9.16 6.17 -8.93
N ALA A 30 8.07 6.11 -8.16
CA ALA A 30 7.65 7.28 -7.38
C ALA A 30 8.57 7.52 -6.18
N ALA A 31 9.19 6.47 -5.65
CA ALA A 31 10.06 6.62 -4.49
C ALA A 31 11.25 7.50 -4.81
N ARG A 32 11.83 7.32 -6.00
CA ARG A 32 13.02 8.08 -6.40
C ARG A 32 12.63 9.49 -6.85
N GLU A 33 11.98 10.25 -5.97
CA GLU A 33 11.56 11.61 -6.29
C GLU A 33 11.34 12.37 -4.99
N VAL A 34 11.70 13.65 -5.00
CA VAL A 34 11.69 14.48 -3.80
C VAL A 34 10.31 15.14 -3.70
N LYS A 35 9.64 14.95 -2.57
CA LYS A 35 8.36 15.59 -2.31
C LYS A 35 8.58 16.83 -1.47
N LEU A 36 8.17 17.99 -1.98
CA LEU A 36 8.35 19.27 -1.30
C LEU A 36 6.97 19.86 -0.99
N LEU A 37 6.74 20.20 0.27
CA LEU A 37 5.53 20.89 0.66
C LEU A 37 5.77 22.39 0.69
N LEU A 38 4.87 23.13 0.04
CA LEU A 38 4.99 24.58 -0.07
C LEU A 38 3.88 25.24 0.71
N LEU A 39 4.24 26.22 1.55
CA LEU A 39 3.29 26.91 2.40
C LEU A 39 3.61 28.40 2.38
N GLY A 40 2.66 29.19 2.89
CA GLY A 40 2.82 30.62 2.95
C GLY A 40 1.50 31.37 3.01
N SER A 44 2.10 36.28 -0.47
CA SER A 44 3.42 36.02 0.12
C SER A 44 4.45 35.68 -0.94
N GLY A 45 4.15 36.02 -2.19
CA GLY A 45 5.06 35.75 -3.28
C GLY A 45 5.12 34.31 -3.72
N LYS A 46 4.15 33.47 -3.31
CA LYS A 46 4.17 32.07 -3.69
C LYS A 46 4.11 31.90 -5.20
N ASN A 47 3.22 32.65 -5.86
CA ASN A 47 3.09 32.55 -7.31
C ASN A 47 4.39 32.97 -8.00
N THR A 48 4.99 34.07 -7.53
CA THR A 48 6.23 34.54 -8.14
C THR A 48 7.35 33.51 -7.96
N ILE A 49 7.45 32.92 -6.77
CA ILE A 49 8.47 31.92 -6.52
C ILE A 49 8.26 30.71 -7.43
N VAL A 50 7.00 30.26 -7.55
CA VAL A 50 6.71 29.12 -8.41
C VAL A 50 7.09 29.43 -9.85
N LYS A 51 6.75 30.63 -10.33
CA LYS A 51 7.09 31.01 -11.69
C LYS A 51 8.61 31.03 -11.90
N GLN A 52 9.35 31.56 -10.92
CA GLN A 52 10.79 31.69 -11.08
C GLN A 52 11.49 30.35 -10.97
N MET A 53 10.96 29.41 -10.18
CA MET A 53 11.64 28.15 -9.92
C MET A 53 11.23 27.03 -10.85
N LYS A 54 10.03 27.10 -11.43
CA LYS A 54 9.56 26.05 -12.32
C LYS A 54 10.35 26.05 -13.63
N THR A 182 -9.24 23.71 -8.17
CA THR A 182 -9.21 24.69 -7.08
C THR A 182 -8.64 24.08 -5.80
N GLY A 183 -8.10 22.87 -5.91
CA GLY A 183 -7.50 22.16 -4.80
C GLY A 183 -5.99 22.28 -4.80
N ILE A 184 -5.34 21.26 -4.24
CA ILE A 184 -3.88 21.26 -4.17
C ILE A 184 -3.31 21.23 -5.57
N VAL A 185 -2.20 21.95 -5.76
CA VAL A 185 -1.56 22.11 -7.06
C VAL A 185 -0.22 21.41 -7.04
N GLU A 186 0.05 20.60 -8.06
CA GLU A 186 1.32 19.88 -8.18
C GLU A 186 2.19 20.55 -9.24
N THR A 187 3.45 20.80 -8.88
CA THR A 187 4.42 21.38 -9.78
C THR A 187 5.66 20.48 -9.83
N HIS A 188 6.09 20.16 -11.03
CA HIS A 188 7.21 19.26 -11.26
C HIS A 188 8.37 20.04 -11.89
N PHE A 189 9.54 19.93 -11.27
CA PHE A 189 10.74 20.57 -11.81
C PHE A 189 11.95 19.72 -11.45
N THR A 190 12.94 19.75 -12.33
CA THR A 190 14.17 18.97 -12.18
C THR A 190 15.36 19.91 -12.17
N PHE A 191 16.36 19.58 -11.36
CA PHE A 191 17.55 20.43 -11.22
C PHE A 191 18.76 19.53 -11.03
N LYS A 192 19.54 19.35 -12.08
CA LYS A 192 20.79 18.59 -12.02
C LYS A 192 20.58 17.19 -11.46
N ASP A 193 19.81 16.36 -12.18
CA ASP A 193 19.63 14.94 -11.93
C ASP A 193 18.73 14.64 -10.74
N LEU A 194 18.19 15.65 -10.07
CA LEU A 194 17.29 15.44 -8.93
C LEU A 194 15.91 15.97 -9.29
N HIS A 195 14.90 15.12 -9.10
CA HIS A 195 13.52 15.44 -9.49
C HIS A 195 12.74 15.87 -8.26
N PHE A 196 12.04 16.99 -8.38
CA PHE A 196 11.26 17.56 -7.28
C PHE A 196 9.79 17.61 -7.67
N LYS A 197 8.93 17.13 -6.78
CA LYS A 197 7.49 17.29 -6.90
C LYS A 197 7.02 18.23 -5.80
N MET A 198 6.54 19.41 -6.19
CA MET A 198 6.15 20.46 -5.27
C MET A 198 4.64 20.47 -5.17
N PHE A 199 4.13 20.45 -3.94
CA PHE A 199 2.69 20.33 -3.66
C PHE A 199 2.23 21.61 -2.98
N ASP A 200 1.83 22.58 -3.80
CA ASP A 200 1.22 23.80 -3.27
C ASP A 200 -0.22 23.51 -2.84
N VAL A 201 -0.55 23.87 -1.59
CA VAL A 201 -1.85 23.55 -1.04
C VAL A 201 -3.00 24.14 -1.84
N GLY A 202 -2.73 25.15 -2.67
CA GLY A 202 -3.75 25.71 -3.52
C GLY A 202 -4.87 26.41 -2.77
N ALA A 203 -4.54 27.18 -1.73
CA ALA A 203 -5.53 27.94 -0.97
C ALA A 203 -6.60 27.02 -0.39
N GLN A 204 -6.18 25.92 0.21
CA GLN A 204 -7.10 25.01 0.88
C GLN A 204 -7.54 25.61 2.22
N ARG A 205 -8.57 26.44 2.19
CA ARG A 205 -9.04 27.11 3.39
C ARG A 205 -9.79 26.18 4.33
N SER A 206 -10.00 24.92 3.95
CA SER A 206 -10.63 23.95 4.83
C SER A 206 -9.71 23.66 6.01
N GLU A 207 -10.11 22.73 6.88
CA GLU A 207 -9.34 22.42 8.08
C GLU A 207 -8.01 21.82 7.67
N ARG A 208 -6.93 22.60 7.82
CA ARG A 208 -5.60 22.10 7.52
C ARG A 208 -5.21 20.96 8.45
N LYS A 209 -5.75 20.97 9.67
CA LYS A 209 -5.42 19.93 10.64
C LYS A 209 -5.91 18.56 10.22
N LYS A 210 -6.85 18.49 9.26
CA LYS A 210 -7.44 17.23 8.84
C LYS A 210 -6.76 16.61 7.63
N TRP A 211 -5.94 17.38 6.90
CA TRP A 211 -5.25 16.84 5.74
C TRP A 211 -3.75 17.16 5.71
N ILE A 212 -3.22 17.86 6.71
CA ILE A 212 -1.79 18.11 6.74
C ILE A 212 -1.02 16.80 6.91
N HIS A 213 -1.60 15.84 7.60
CA HIS A 213 -0.93 14.55 7.80
C HIS A 213 -0.70 13.82 6.48
N CYS A 214 -1.42 14.17 5.43
CA CYS A 214 -1.21 13.54 4.13
C CYS A 214 0.19 13.78 3.60
N PHE A 215 0.86 14.84 4.07
CA PHE A 215 2.20 15.19 3.63
C PHE A 215 3.29 14.72 4.61
N GLU A 216 2.95 13.88 5.58
CA GLU A 216 3.95 13.34 6.49
C GLU A 216 5.03 12.61 5.71
N GLY A 217 6.27 12.98 5.97
CA GLY A 217 7.40 12.36 5.29
C GLY A 217 7.97 13.14 4.15
N VAL A 218 7.48 14.36 3.89
CA VAL A 218 8.04 15.18 2.83
C VAL A 218 9.49 15.53 3.17
N THR A 219 10.30 15.68 2.12
CA THR A 219 11.72 15.96 2.32
C THR A 219 11.92 17.30 3.03
N ALA A 220 11.20 18.33 2.61
CA ALA A 220 11.34 19.65 3.20
C ALA A 220 10.05 20.42 2.98
N ILE A 221 9.89 21.50 3.75
CA ILE A 221 8.72 22.36 3.69
C ILE A 221 9.19 23.74 3.23
N ILE A 222 8.64 24.20 2.11
CA ILE A 222 8.95 25.53 1.61
C ILE A 222 7.95 26.52 2.18
N PHE A 223 8.47 27.57 2.82
CA PHE A 223 7.64 28.63 3.40
C PHE A 223 8.01 29.94 2.75
N CYS A 224 7.00 30.66 2.24
CA CYS A 224 7.20 31.93 1.57
C CYS A 224 6.53 33.05 2.37
N VAL A 225 7.26 34.13 2.60
CA VAL A 225 6.76 35.30 3.31
C VAL A 225 7.24 36.55 2.60
N ALA A 226 6.37 37.55 2.48
CA ALA A 226 6.71 38.82 1.87
C ALA A 226 7.13 39.80 2.96
N LEU A 227 8.37 40.30 2.87
CA LEU A 227 8.86 41.22 3.87
C LEU A 227 8.10 42.54 3.84
N SER A 228 7.71 42.99 2.65
CA SER A 228 7.06 44.29 2.49
C SER A 228 5.70 44.34 3.17
N ASP A 229 5.16 43.18 3.54
CA ASP A 229 3.81 43.08 4.08
C ASP A 229 3.76 43.29 5.59
N TYR A 230 4.75 43.99 6.16
CA TYR A 230 4.73 44.25 7.59
C TYR A 230 3.69 45.29 7.96
N ASP A 231 3.12 45.99 6.96
CA ASP A 231 2.14 47.03 7.24
C ASP A 231 0.71 46.56 7.02
N LEU A 232 0.51 45.55 6.16
CA LEU A 232 -0.85 45.11 5.84
C LEU A 232 -1.52 44.50 7.07
N VAL A 233 -2.86 44.58 7.09
CA VAL A 233 -3.63 44.14 8.23
C VAL A 233 -4.61 43.01 7.88
N LEU A 234 -4.66 42.57 6.63
CA LEU A 234 -5.55 41.49 6.21
C LEU A 234 -7.01 41.82 6.54
N ALA A 235 -7.34 43.10 6.44
CA ALA A 235 -8.69 43.58 6.74
C ALA A 235 -9.13 43.09 8.12
N ASP A 236 -10.32 42.52 8.22
CA ASP A 236 -10.85 42.00 9.48
C ASP A 236 -10.75 43.06 10.59
N GLU A 237 -11.23 44.25 10.27
CA GLU A 237 -11.20 45.40 11.19
C GLU A 237 -9.84 45.54 11.87
N ALA A 238 -8.77 45.26 11.11
CA ALA A 238 -7.40 45.43 11.59
C ALA A 238 -7.16 44.64 12.88
N GLU A 239 -7.71 43.43 12.94
CA GLU A 239 -7.48 42.55 14.10
C GLU A 239 -6.20 41.74 13.97
N MET A 240 -5.52 41.80 12.83
CA MET A 240 -4.33 40.99 12.59
C MET A 240 -3.43 41.73 11.62
N ASN A 241 -2.15 41.37 11.63
CA ASN A 241 -1.18 41.84 10.67
C ASN A 241 -0.66 40.66 9.86
N ARG A 242 -0.49 40.86 8.56
CA ARG A 242 -0.07 39.75 7.71
C ARG A 242 1.26 39.16 8.17
N MET A 243 2.16 39.99 8.70
CA MET A 243 3.39 39.45 9.28
C MET A 243 3.10 38.57 10.48
N HIS A 244 2.19 39.02 11.36
CA HIS A 244 1.82 38.21 12.52
C HIS A 244 1.17 36.91 12.09
N ALA A 245 0.29 36.97 11.08
CA ALA A 245 -0.35 35.76 10.58
C ALA A 245 0.68 34.80 10.00
N SER A 246 1.64 35.33 9.24
CA SER A 246 2.68 34.50 8.67
C SER A 246 3.52 33.85 9.77
N MET A 247 3.86 34.60 10.80
CA MET A 247 4.63 34.04 11.91
C MET A 247 3.84 32.95 12.61
N LYS A 248 2.54 33.18 12.84
CA LYS A 248 1.72 32.17 13.49
C LYS A 248 1.64 30.90 12.65
N LEU A 249 1.45 31.05 11.34
CA LEU A 249 1.40 29.88 10.47
C LEU A 249 2.73 29.14 10.46
N PHE A 250 3.84 29.88 10.41
CA PHE A 250 5.16 29.24 10.43
C PHE A 250 5.37 28.48 11.72
N ASP A 251 4.98 29.06 12.86
CA ASP A 251 5.12 28.37 14.14
C ASP A 251 4.27 27.12 14.17
N SER A 252 3.03 27.22 13.70
CA SER A 252 2.14 26.06 13.71
C SER A 252 2.69 24.93 12.85
N ILE A 253 3.21 25.26 11.66
CA ILE A 253 3.73 24.23 10.77
C ILE A 253 5.01 23.63 11.34
N CYS A 254 5.90 24.47 11.89
CA CYS A 254 7.16 23.96 12.43
C CYS A 254 6.92 23.07 13.64
N ASN A 255 5.98 23.44 14.50
CA ASN A 255 5.66 22.66 15.69
C ASN A 255 4.66 21.55 15.41
N ASN A 256 4.21 21.39 14.18
CA ASN A 256 3.26 20.35 13.84
C ASN A 256 3.84 18.98 14.18
N LYS A 257 3.00 18.13 14.79
CA LYS A 257 3.48 16.81 15.22
C LYS A 257 3.87 15.93 14.04
N TRP A 258 3.31 16.17 12.86
CA TRP A 258 3.64 15.38 11.69
C TRP A 258 4.93 15.81 11.00
N PHE A 259 5.54 16.91 11.44
CA PHE A 259 6.76 17.43 10.85
C PHE A 259 7.84 17.63 11.91
N THR A 260 7.95 16.70 12.85
CA THR A 260 8.92 16.84 13.94
C THR A 260 10.34 16.93 13.40
N ASP A 261 10.68 16.07 12.44
CA ASP A 261 12.02 16.01 11.86
C ASP A 261 12.02 16.38 10.39
N THR A 262 11.28 17.42 10.02
CA THR A 262 11.19 17.90 8.64
C THR A 262 11.80 19.28 8.54
N SER A 263 12.77 19.44 7.64
CA SER A 263 13.42 20.73 7.45
C SER A 263 12.46 21.71 6.78
N ILE A 264 12.68 23.00 7.05
CA ILE A 264 11.87 24.09 6.50
C ILE A 264 12.78 24.98 5.67
N ILE A 265 12.37 25.24 4.43
CA ILE A 265 13.10 26.14 3.53
C ILE A 265 12.32 27.45 3.53
N LEU A 266 12.82 28.44 4.27
CA LEU A 266 12.14 29.72 4.43
C LEU A 266 12.64 30.70 3.38
N PHE A 267 11.71 31.28 2.63
CA PHE A 267 12.02 32.27 1.60
C PHE A 267 11.42 33.61 1.99
N LEU A 268 12.24 34.66 1.95
CA LEU A 268 11.79 36.02 2.18
C LEU A 268 11.71 36.72 0.83
N ASN A 269 10.50 37.03 0.39
CA ASN A 269 10.25 37.59 -0.93
C ASN A 269 9.93 39.08 -0.83
N LYS A 270 9.85 39.71 -2.00
CA LYS A 270 9.48 41.12 -2.11
C LYS A 270 10.42 42.01 -1.30
N LYS A 271 11.72 41.71 -1.33
CA LYS A 271 12.68 42.50 -0.56
C LYS A 271 12.79 43.92 -1.09
N ASP A 272 12.61 44.11 -2.41
CA ASP A 272 12.71 45.44 -2.99
C ASP A 272 11.63 46.36 -2.43
N LEU A 273 10.38 45.88 -2.42
CA LEU A 273 9.29 46.68 -1.86
C LEU A 273 9.48 46.90 -0.36
N PHE A 274 9.99 45.89 0.35
CA PHE A 274 10.26 46.05 1.78
C PHE A 274 11.26 47.17 2.01
N GLU A 275 12.34 47.18 1.23
CA GLU A 275 13.35 48.23 1.37
C GLU A 275 12.76 49.60 1.02
N GLU A 276 11.94 49.66 -0.03
CA GLU A 276 11.33 50.93 -0.41
C GLU A 276 10.38 51.44 0.65
N LYS A 277 9.68 50.53 1.34
CA LYS A 277 8.67 50.96 2.30
C LYS A 277 9.26 51.29 3.66
N ILE A 278 10.30 50.57 4.09
CA ILE A 278 10.89 50.86 5.39
C ILE A 278 11.49 52.26 5.41
N LYS A 279 12.02 52.72 4.28
CA LYS A 279 12.57 54.07 4.20
C LYS A 279 11.51 55.13 4.43
N LYS A 280 10.23 54.80 4.21
CA LYS A 280 9.14 55.74 4.43
C LYS A 280 8.18 55.31 5.54
N SER A 281 8.21 54.06 5.97
CA SER A 281 7.38 53.59 7.08
C SER A 281 8.19 52.62 7.93
N PRO A 282 8.65 53.02 9.13
CA PRO A 282 9.53 52.14 9.90
C PRO A 282 8.84 50.84 10.28
N LEU A 283 9.63 49.77 10.33
CA LEU A 283 9.11 48.46 10.72
C LEU A 283 8.75 48.39 12.20
N THR A 284 9.10 49.40 12.99
CA THR A 284 8.70 49.40 14.40
C THR A 284 7.19 49.36 14.55
N ILE A 285 6.45 49.79 13.53
CA ILE A 285 5.00 49.70 13.57
C ILE A 285 4.57 48.25 13.69
N CYS A 286 5.29 47.33 13.03
CA CYS A 286 5.02 45.91 13.14
C CYS A 286 5.64 45.29 14.38
N TYR A 287 6.77 45.84 14.84
CA TYR A 287 7.48 45.36 16.04
C TYR A 287 7.65 46.52 16.99
N PRO A 288 6.66 46.79 17.86
CA PRO A 288 6.81 47.93 18.79
C PRO A 288 8.03 47.83 19.68
N GLU A 289 8.45 46.63 20.05
CA GLU A 289 9.60 46.44 20.93
C GLU A 289 10.93 46.46 20.18
N TYR A 290 10.91 46.59 18.86
CA TYR A 290 12.15 46.63 18.08
C TYR A 290 12.75 48.03 18.15
N ALA A 291 13.98 48.12 18.64
CA ALA A 291 14.71 49.39 18.74
C ALA A 291 16.00 49.26 17.93
N GLY A 292 15.92 49.63 16.65
CA GLY A 292 17.07 49.54 15.78
C GLY A 292 16.87 50.41 14.56
N SER A 293 17.89 50.41 13.70
CA SER A 293 17.85 51.20 12.48
C SER A 293 16.85 50.61 11.49
N ASN A 294 16.38 51.46 10.57
CA ASN A 294 15.44 51.05 9.54
C ASN A 294 16.12 50.63 8.25
N THR A 295 17.44 50.45 8.28
CA THR A 295 18.16 50.05 7.08
C THR A 295 17.76 48.63 6.66
N TYR A 296 17.91 48.35 5.37
CA TYR A 296 17.42 47.10 4.81
C TYR A 296 18.08 45.90 5.49
N GLU A 297 19.41 45.91 5.60
CA GLU A 297 20.12 44.73 6.10
C GLU A 297 19.72 44.40 7.53
N GLU A 298 19.66 45.43 8.40
CA GLU A 298 19.36 45.19 9.80
C GLU A 298 17.92 44.71 9.99
N ALA A 299 16.98 45.34 9.27
CA ALA A 299 15.59 44.91 9.36
C ALA A 299 15.42 43.48 8.86
N ALA A 300 16.09 43.15 7.76
CA ALA A 300 16.02 41.78 7.22
C ALA A 300 16.59 40.78 8.22
N ALA A 301 17.72 41.12 8.84
CA ALA A 301 18.32 40.22 9.83
C ALA A 301 17.40 40.04 11.02
N TYR A 302 16.78 41.12 11.49
CA TYR A 302 15.86 41.02 12.62
C TYR A 302 14.66 40.15 12.27
N ILE A 303 14.11 40.31 11.07
CA ILE A 303 12.96 39.51 10.65
C ILE A 303 13.36 38.03 10.58
N GLN A 304 14.54 37.75 10.00
CA GLN A 304 15.01 36.38 9.93
C GLN A 304 15.18 35.77 11.31
N CYS A 305 15.76 36.54 12.24
CA CYS A 305 15.93 36.04 13.60
C CYS A 305 14.59 35.76 14.27
N GLN A 306 13.63 36.68 14.07
CA GLN A 306 12.30 36.48 14.65
C GLN A 306 11.65 35.21 14.09
N PHE A 307 11.76 35.00 12.78
CA PHE A 307 11.16 33.82 12.18
C PHE A 307 11.82 32.54 12.68
N GLU A 308 13.16 32.54 12.77
CA GLU A 308 13.86 31.34 13.22
C GLU A 308 13.66 31.07 14.70
N ASP A 309 13.37 32.11 15.50
CA ASP A 309 13.12 31.89 16.92
C ASP A 309 11.87 31.04 17.15
N LEU A 310 10.94 31.04 16.19
CA LEU A 310 9.71 30.26 16.35
C LEU A 310 9.99 28.77 16.47
N ASN A 311 11.13 28.31 15.97
CA ASN A 311 11.47 26.89 15.98
C ASN A 311 11.75 26.45 17.41
N LYS A 312 10.81 25.72 18.00
CA LYS A 312 10.97 25.21 19.35
C LYS A 312 11.70 23.88 19.40
N ARG A 313 12.03 23.30 18.25
CA ARG A 313 12.76 22.04 18.16
C ARG A 313 14.00 22.22 17.30
N LYS A 314 14.79 23.25 17.64
CA LYS A 314 15.94 23.62 16.82
C LYS A 314 16.87 22.45 16.57
N ASP A 315 17.05 21.58 17.56
CA ASP A 315 18.00 20.47 17.41
C ASP A 315 17.53 19.49 16.35
N THR A 316 16.25 19.15 16.34
CA THR A 316 15.74 18.14 15.41
C THR A 316 15.87 18.60 13.96
N LYS A 317 15.51 19.85 13.68
CA LYS A 317 15.44 20.35 12.31
C LYS A 317 16.16 21.68 12.20
N GLU A 318 16.62 21.98 10.99
CA GLU A 318 17.21 23.27 10.69
C GLU A 318 16.36 24.03 9.69
N ILE A 319 16.36 25.36 9.82
CA ILE A 319 15.60 26.25 8.95
C ILE A 319 16.59 26.89 7.98
N TYR A 320 16.38 26.63 6.68
CA TYR A 320 17.21 27.21 5.63
C TYR A 320 16.55 28.49 5.14
N THR A 321 17.06 29.63 5.61
CA THR A 321 16.48 30.93 5.31
C THR A 321 17.24 31.59 4.17
N HIS A 322 16.50 32.12 3.19
CA HIS A 322 17.09 32.76 2.03
C HIS A 322 16.27 33.98 1.64
N PHE A 323 16.95 34.99 1.12
CA PHE A 323 16.30 36.16 0.54
C PHE A 323 16.34 36.02 -0.98
N THR A 324 15.16 36.04 -1.61
CA THR A 324 15.02 35.59 -2.98
C THR A 324 15.08 36.75 -3.97
N CYS A 325 14.81 36.42 -5.23
CA CYS A 325 14.64 37.40 -6.31
C CYS A 325 15.91 38.23 -6.54
N SER A 326 17.06 37.74 -6.10
CA SER A 326 18.32 38.33 -6.58
C SER A 326 18.48 38.10 -8.07
N THR A 327 18.36 36.84 -8.48
CA THR A 327 18.12 36.47 -9.88
C THR A 327 17.26 35.22 -9.88
N ASP A 328 16.54 35.02 -10.98
CA ASP A 328 15.50 33.99 -11.02
C ASP A 328 16.06 32.60 -10.72
N THR A 329 17.33 32.36 -11.03
CA THR A 329 17.87 31.00 -10.94
C THR A 329 18.43 30.68 -9.55
N LYS A 330 18.54 31.66 -8.66
CA LYS A 330 19.15 31.39 -7.34
C LYS A 330 18.22 30.61 -6.43
N ASN A 331 16.90 30.81 -6.57
CA ASN A 331 15.96 30.12 -5.68
C ASN A 331 16.05 28.61 -5.85
N VAL A 332 16.12 28.13 -7.09
CA VAL A 332 16.23 26.70 -7.31
C VAL A 332 17.56 26.19 -6.78
N GLN A 333 18.63 26.96 -6.92
CA GLN A 333 19.92 26.55 -6.36
C GLN A 333 19.84 26.41 -4.85
N PHE A 334 19.20 27.37 -4.17
CA PHE A 334 19.06 27.27 -2.73
C PHE A 334 18.20 26.08 -2.32
N VAL A 335 17.12 25.82 -3.07
CA VAL A 335 16.26 24.67 -2.76
C VAL A 335 17.06 23.37 -2.90
N PHE A 336 17.84 23.26 -3.99
CA PHE A 336 18.65 22.07 -4.19
C PHE A 336 19.68 21.90 -3.08
N ASP A 337 20.35 22.99 -2.71
CA ASP A 337 21.35 22.90 -1.64
C ASP A 337 20.72 22.49 -0.32
N ALA A 338 19.56 23.06 0.00
CA ALA A 338 18.88 22.71 1.25
C ALA A 338 18.46 21.24 1.24
N VAL A 339 17.91 20.76 0.12
CA VAL A 339 17.50 19.36 0.03
C VAL A 339 18.70 18.44 0.19
N THR A 340 19.81 18.78 -0.48
CA THR A 340 21.00 17.96 -0.38
C THR A 340 21.51 17.91 1.06
N ASP A 341 21.55 19.07 1.72
CA ASP A 341 22.02 19.11 3.11
C ASP A 341 21.10 18.30 4.02
N VAL A 342 19.79 18.40 3.81
CA VAL A 342 18.84 17.64 4.63
C VAL A 342 19.05 16.15 4.44
N ILE A 343 19.23 15.72 3.19
CA ILE A 343 19.45 14.30 2.91
C ILE A 343 20.72 13.81 3.57
N ILE A 344 21.79 14.62 3.46
CA ILE A 344 23.08 14.22 4.06
C ILE A 344 22.94 14.13 5.57
N LYS A 345 22.26 15.09 6.18
CA LYS A 345 22.10 15.08 7.64
C LYS A 345 21.27 13.87 8.08
N ASN A 346 20.22 13.54 7.33
CA ASN A 346 19.43 12.36 7.67
C ASN A 346 20.27 11.10 7.56
N ASN A 347 21.09 10.99 6.51
CA ASN A 347 21.96 9.82 6.37
C ASN A 347 22.93 9.73 7.53
N LEU A 348 23.51 10.86 7.94
CA LEU A 348 24.42 10.86 9.07
C LEU A 348 23.70 10.44 10.35
N LYS A 349 22.49 10.94 10.56
CA LYS A 349 21.73 10.58 11.75
C LYS A 349 21.42 9.09 11.77
N ASP A 350 21.11 8.50 10.61
CA ASP A 350 20.86 7.08 10.55
C ASP A 350 22.07 6.28 11.01
N CYS A 351 23.27 6.73 10.64
CA CYS A 351 24.50 6.07 11.05
C CYS A 351 24.96 6.51 12.45
N GLY A 352 24.28 7.47 13.07
CA GLY A 352 24.68 7.96 14.37
C GLY A 352 25.78 8.98 14.35
N LEU A 353 26.15 9.50 13.18
CA LEU A 353 27.23 10.47 13.06
C LEU A 353 26.75 11.91 13.18
N PHE A 354 25.45 12.14 13.35
CA PHE A 354 24.92 13.49 13.47
C PHE A 354 23.74 13.52 14.43
N GLN B 13 -33.66 39.17 18.56
CA GLN B 13 -33.34 39.50 17.15
C GLN B 13 -32.68 38.30 16.46
N GLU B 14 -31.59 37.80 17.04
CA GLU B 14 -30.84 36.69 16.46
C GLU B 14 -31.32 35.32 16.96
N ALA B 15 -32.62 35.04 16.87
CA ALA B 15 -33.17 33.75 17.23
C ALA B 15 -32.67 33.28 18.60
N GLU B 16 -32.72 34.20 19.57
CA GLU B 16 -32.21 33.89 20.90
C GLU B 16 -33.02 32.79 21.57
N GLN B 17 -34.35 32.92 21.55
CA GLN B 17 -35.22 31.99 22.27
C GLN B 17 -35.41 30.67 21.53
N LEU B 18 -35.17 30.64 20.22
CA LEU B 18 -35.44 29.42 19.46
C LEU B 18 -34.49 28.29 19.85
N LYS B 19 -33.25 28.61 20.19
CA LYS B 19 -32.27 27.58 20.50
C LYS B 19 -32.69 26.78 21.72
N ASN B 20 -33.18 27.45 22.77
CA ASN B 20 -33.51 26.75 24.01
C ASN B 20 -34.74 25.87 23.85
N GLN B 21 -35.68 26.26 23.00
CA GLN B 21 -36.92 25.48 22.87
C GLN B 21 -36.63 24.08 22.35
N ILE B 22 -35.76 23.96 21.35
CA ILE B 22 -35.43 22.64 20.80
C ILE B 22 -34.76 21.79 21.87
N ARG B 23 -33.83 22.38 22.64
CA ARG B 23 -33.16 21.64 23.69
C ARG B 23 -34.16 21.14 24.73
N ASP B 24 -35.09 22.01 25.14
CA ASP B 24 -36.09 21.61 26.13
C ASP B 24 -36.97 20.49 25.59
N ALA B 25 -37.40 20.61 24.34
CA ALA B 25 -38.26 19.59 23.74
C ALA B 25 -37.54 18.25 23.67
N ARG B 26 -36.27 18.27 23.27
CA ARG B 26 -35.51 17.03 23.19
C ARG B 26 -35.30 16.42 24.58
N LYS B 27 -35.00 17.26 25.58
CA LYS B 27 -34.80 16.75 26.93
C LYS B 27 -36.07 16.14 27.50
N ALA B 28 -37.23 16.76 27.21
CA ALA B 28 -38.49 16.27 27.76
C ALA B 28 -38.80 14.84 27.30
N CYS B 29 -38.25 14.41 26.17
CA CYS B 29 -38.53 13.08 25.63
C CYS B 29 -37.64 12.00 26.21
N ALA B 30 -36.69 12.35 27.08
CA ALA B 30 -35.79 11.36 27.66
C ALA B 30 -36.44 10.71 28.87
N ASP B 31 -36.71 9.41 28.78
CA ASP B 31 -37.33 8.65 29.85
C ASP B 31 -36.51 7.46 30.31
N ALA B 32 -35.88 6.73 29.38
CA ALA B 32 -35.08 5.57 29.72
C ALA B 32 -33.95 5.43 28.71
N THR B 33 -32.74 5.19 29.22
CA THR B 33 -31.57 5.03 28.36
C THR B 33 -31.54 3.63 27.76
N LEU B 34 -30.74 3.49 26.70
CA LEU B 34 -30.59 2.20 26.03
C LEU B 34 -29.97 1.17 26.97
N SER B 35 -29.01 1.58 27.78
CA SER B 35 -28.31 0.62 28.65
C SER B 35 -29.28 -0.06 29.62
N GLN B 36 -30.21 0.71 30.18
CA GLN B 36 -31.16 0.14 31.13
C GLN B 36 -32.01 -0.94 30.48
N ILE B 37 -32.47 -0.68 29.26
CA ILE B 37 -33.33 -1.64 28.57
C ILE B 37 -32.59 -2.94 28.31
N THR B 38 -31.33 -2.82 27.87
CA THR B 38 -30.54 -3.99 27.47
C THR B 38 -29.85 -4.67 28.65
N ASN B 39 -30.31 -4.45 29.88
CA ASN B 39 -29.71 -5.12 31.03
C ASN B 39 -29.91 -6.63 30.93
N ASN B 40 -31.09 -7.08 30.52
CA ASN B 40 -31.38 -8.51 30.45
C ASN B 40 -30.75 -9.18 29.25
N ILE B 41 -30.19 -8.42 28.30
CA ILE B 41 -29.57 -9.02 27.13
C ILE B 41 -28.27 -9.70 27.54
N ASP B 42 -28.12 -10.96 27.14
CA ASP B 42 -26.93 -11.71 27.51
C ASP B 42 -25.70 -11.10 26.80
N PRO B 43 -24.55 -11.05 27.47
CA PRO B 43 -23.35 -10.53 26.80
C PRO B 43 -22.99 -11.37 25.58
N VAL B 44 -22.47 -10.69 24.55
CA VAL B 44 -22.03 -11.40 23.36
C VAL B 44 -20.82 -12.28 23.66
N GLY B 45 -19.94 -11.82 24.53
CA GLY B 45 -18.72 -12.54 24.83
C GLY B 45 -17.63 -12.21 23.83
N ARG B 46 -16.40 -12.58 24.20
CA ARG B 46 -15.26 -12.31 23.32
C ARG B 46 -15.41 -13.07 22.01
N ILE B 47 -15.14 -12.38 20.91
CA ILE B 47 -15.19 -12.96 19.58
C ILE B 47 -13.77 -13.20 19.12
N GLN B 48 -13.47 -14.42 18.67
CA GLN B 48 -12.12 -14.80 18.26
C GLN B 48 -11.88 -14.37 16.82
N MET B 49 -11.82 -13.05 16.62
CA MET B 49 -11.52 -12.50 15.31
C MET B 49 -10.09 -12.85 14.91
N ARG B 50 -9.94 -13.44 13.73
CA ARG B 50 -8.64 -13.81 13.20
C ARG B 50 -8.58 -13.45 11.72
N THR B 51 -7.49 -12.82 11.31
CA THR B 51 -7.34 -12.44 9.91
C THR B 51 -7.19 -13.71 9.06
N ARG B 52 -8.02 -13.80 8.02
CA ARG B 52 -8.00 -14.94 7.11
C ARG B 52 -7.30 -14.62 5.80
N ARG B 53 -7.37 -13.38 5.33
CA ARG B 53 -6.69 -12.95 4.13
C ARG B 53 -5.94 -11.65 4.42
N THR B 54 -4.68 -11.60 3.98
CA THR B 54 -3.87 -10.40 4.04
C THR B 54 -3.63 -9.90 2.63
N LEU B 55 -4.06 -8.67 2.37
CA LEU B 55 -3.97 -8.07 1.04
C LEU B 55 -2.78 -7.12 1.00
N ARG B 56 -1.85 -7.37 0.09
CA ARG B 56 -0.66 -6.56 -0.08
C ARG B 56 -0.55 -6.10 -1.52
N GLY B 57 0.22 -5.04 -1.73
CA GLY B 57 0.37 -4.46 -3.05
C GLY B 57 0.37 -2.95 -3.00
N HIS B 58 -0.35 -2.38 -2.04
CA HIS B 58 -0.29 -0.94 -1.82
C HIS B 58 1.04 -0.57 -1.17
N LEU B 59 1.69 0.45 -1.73
CA LEU B 59 2.99 0.90 -1.25
C LEU B 59 2.93 2.25 -0.54
N ALA B 60 1.74 2.72 -0.20
CA ALA B 60 1.58 3.98 0.53
C ALA B 60 0.41 3.84 1.48
N LYS B 61 0.08 4.94 2.17
CA LYS B 61 -0.97 4.92 3.18
C LYS B 61 -2.33 4.83 2.52
N ILE B 62 -3.04 3.72 2.75
CA ILE B 62 -4.40 3.57 2.26
C ILE B 62 -5.35 4.29 3.18
N TYR B 63 -6.26 5.09 2.59
CA TYR B 63 -7.16 5.93 3.35
C TYR B 63 -8.61 5.47 3.34
N ALA B 64 -9.05 4.73 2.33
CA ALA B 64 -10.45 4.33 2.24
C ALA B 64 -10.59 3.04 1.46
N MET B 65 -11.62 2.28 1.82
CA MET B 65 -12.00 1.07 1.09
C MET B 65 -13.50 0.88 1.28
N HIS B 66 -14.09 0.10 0.36
CA HIS B 66 -15.53 -0.14 0.39
C HIS B 66 -15.83 -1.51 -0.16
N TRP B 67 -16.78 -2.21 0.48
CA TRP B 67 -17.20 -3.52 0.00
C TRP B 67 -18.15 -3.39 -1.18
N GLY B 68 -18.17 -4.42 -2.02
CA GLY B 68 -19.18 -4.51 -3.06
C GLY B 68 -20.46 -5.15 -2.55
N THR B 69 -21.51 -5.07 -3.37
CA THR B 69 -22.78 -5.66 -3.00
C THR B 69 -22.69 -7.18 -2.96
N ASP B 70 -21.81 -7.77 -3.78
CA ASP B 70 -21.67 -9.22 -3.82
C ASP B 70 -20.99 -9.79 -2.59
N SER B 71 -20.44 -8.94 -1.72
CA SER B 71 -19.75 -9.35 -0.50
C SER B 71 -18.42 -10.05 -0.77
N ARG B 72 -17.93 -10.01 -2.01
CA ARG B 72 -16.64 -10.59 -2.36
C ARG B 72 -15.68 -9.58 -2.95
N LEU B 73 -16.18 -8.56 -3.64
CA LEU B 73 -15.34 -7.54 -4.24
C LEU B 73 -15.29 -6.30 -3.36
N LEU B 74 -14.10 -5.76 -3.18
CA LEU B 74 -13.90 -4.51 -2.46
C LEU B 74 -12.86 -3.69 -3.20
N VAL B 75 -12.94 -2.37 -3.01
CA VAL B 75 -12.03 -1.43 -3.64
C VAL B 75 -11.29 -0.68 -2.55
N SER B 76 -10.03 -0.32 -2.83
CA SER B 76 -9.20 0.42 -1.90
C SER B 76 -8.41 1.48 -2.66
N ALA B 77 -8.11 2.57 -1.96
CA ALA B 77 -7.39 3.70 -2.54
C ALA B 77 -6.24 4.06 -1.63
N SER B 78 -5.15 4.56 -2.23
CA SER B 78 -3.94 4.87 -1.49
C SER B 78 -3.33 6.17 -2.04
N GLN B 79 -2.46 6.77 -1.22
CA GLN B 79 -1.75 7.98 -1.61
C GLN B 79 -0.70 7.71 -2.69
N ASP B 80 -0.39 6.44 -2.98
CA ASP B 80 0.54 6.13 -4.06
C ASP B 80 -0.06 6.39 -5.44
N GLY B 81 -1.33 6.77 -5.52
CA GLY B 81 -1.95 7.07 -6.80
C GLY B 81 -2.59 5.89 -7.48
N LYS B 82 -2.91 4.82 -6.74
CA LYS B 82 -3.50 3.62 -7.31
C LYS B 82 -4.81 3.29 -6.61
N LEU B 83 -5.80 2.89 -7.40
CA LEU B 83 -7.11 2.46 -6.92
C LEU B 83 -7.27 0.99 -7.28
N ILE B 84 -7.27 0.12 -6.27
CA ILE B 84 -7.21 -1.32 -6.46
C ILE B 84 -8.55 -1.94 -6.04
N ILE B 85 -9.03 -2.88 -6.85
CA ILE B 85 -10.20 -3.67 -6.54
C ILE B 85 -9.73 -5.09 -6.24
N TRP B 86 -10.17 -5.62 -5.11
CA TRP B 86 -9.67 -6.89 -4.59
C TRP B 86 -10.71 -7.98 -4.72
N ASP B 87 -10.25 -9.19 -5.07
CA ASP B 87 -11.09 -10.38 -4.95
C ASP B 87 -10.87 -10.97 -3.57
N SER B 88 -11.85 -10.76 -2.67
CA SER B 88 -11.64 -11.08 -1.27
C SER B 88 -11.37 -12.56 -1.05
N TYR B 89 -12.11 -13.44 -1.74
CA TYR B 89 -11.93 -14.87 -1.52
C TYR B 89 -10.53 -15.33 -1.89
N THR B 90 -10.07 -14.97 -3.08
CA THR B 90 -8.78 -15.44 -3.59
C THR B 90 -7.69 -14.39 -3.49
N THR B 91 -8.01 -13.18 -3.04
CA THR B 91 -7.02 -12.11 -2.92
C THR B 91 -6.46 -11.72 -4.27
N ASN B 92 -7.16 -12.06 -5.34
CA ASN B 92 -6.72 -11.66 -6.68
C ASN B 92 -7.12 -10.21 -6.95
N LYS B 93 -6.15 -9.40 -7.36
CA LYS B 93 -6.43 -8.01 -7.69
C LYS B 93 -7.23 -7.95 -8.99
N VAL B 94 -8.43 -7.39 -8.91
CA VAL B 94 -9.33 -7.33 -10.06
C VAL B 94 -8.89 -6.25 -11.03
N HIS B 95 -8.66 -5.04 -10.55
CA HIS B 95 -8.23 -3.92 -11.39
C HIS B 95 -7.24 -3.06 -10.61
N ALA B 96 -6.37 -2.39 -11.36
CA ALA B 96 -5.45 -1.40 -10.80
C ALA B 96 -5.61 -0.11 -11.59
N ILE B 97 -6.36 0.83 -11.04
CA ILE B 97 -6.74 2.06 -11.72
C ILE B 97 -5.82 3.17 -11.23
N PRO B 98 -4.97 3.75 -12.10
CA PRO B 98 -4.07 4.82 -11.64
C PRO B 98 -4.84 6.12 -11.44
N LEU B 99 -4.80 6.64 -10.22
CA LEU B 99 -5.47 7.91 -9.92
C LEU B 99 -4.63 9.06 -10.45
N ARG B 100 -5.24 9.91 -11.27
CA ARG B 100 -4.51 11.05 -11.83
C ARG B 100 -4.13 12.07 -10.75
N SER B 101 -4.75 12.00 -9.58
CA SER B 101 -4.40 12.86 -8.44
C SER B 101 -4.12 11.95 -7.25
N SER B 102 -2.87 11.86 -6.85
CA SER B 102 -2.45 10.97 -5.76
C SER B 102 -2.67 11.55 -4.38
N TRP B 103 -3.89 12.00 -4.08
CA TRP B 103 -4.25 12.53 -2.78
C TRP B 103 -5.62 12.02 -2.35
N VAL B 104 -5.94 10.79 -2.70
CA VAL B 104 -7.27 10.24 -2.47
C VAL B 104 -7.58 10.23 -0.98
N MET B 105 -8.80 10.65 -0.64
CA MET B 105 -9.28 10.63 0.73
C MET B 105 -10.46 9.68 0.94
N THR B 106 -11.12 9.26 -0.14
CA THR B 106 -12.29 8.40 -0.03
C THR B 106 -12.44 7.60 -1.32
N CYS B 107 -13.22 6.52 -1.23
CA CYS B 107 -13.56 5.71 -2.39
C CYS B 107 -14.87 4.99 -2.11
N ALA B 108 -15.50 4.50 -3.18
CA ALA B 108 -16.81 3.87 -3.05
C ALA B 108 -16.99 2.83 -4.14
N TYR B 109 -17.95 1.94 -3.91
CA TYR B 109 -18.32 0.89 -4.84
C TYR B 109 -19.81 0.99 -5.12
N ALA B 110 -20.18 1.04 -6.40
CA ALA B 110 -21.58 1.20 -6.75
C ALA B 110 -22.38 -0.03 -6.32
N PRO B 111 -23.66 0.14 -5.97
CA PRO B 111 -24.46 -1.03 -5.57
C PRO B 111 -24.50 -2.12 -6.64
N SER B 112 -24.55 -1.74 -7.92
CA SER B 112 -24.51 -2.73 -8.98
C SER B 112 -23.09 -3.20 -9.27
N GLY B 113 -22.08 -2.51 -8.72
CA GLY B 113 -20.70 -2.86 -8.99
C GLY B 113 -20.18 -2.35 -10.32
N ASN B 114 -20.99 -1.60 -11.07
CA ASN B 114 -20.56 -1.12 -12.38
C ASN B 114 -19.60 0.05 -12.27
N TYR B 115 -19.77 0.89 -11.25
CA TYR B 115 -19.02 2.13 -11.14
C TYR B 115 -18.35 2.23 -9.77
N VAL B 116 -17.21 2.92 -9.74
CA VAL B 116 -16.46 3.18 -8.52
C VAL B 116 -16.08 4.66 -8.49
N ALA B 117 -16.21 5.27 -7.32
CA ALA B 117 -15.90 6.67 -7.13
C ALA B 117 -14.69 6.82 -6.20
N CYS B 118 -13.98 7.92 -6.37
CA CYS B 118 -12.85 8.27 -5.52
C CYS B 118 -12.79 9.78 -5.37
N GLY B 119 -12.24 10.22 -4.25
CA GLY B 119 -12.07 11.64 -4.00
C GLY B 119 -10.84 11.91 -3.16
N GLY B 120 -10.17 13.03 -3.41
CA GLY B 120 -8.95 13.35 -2.70
C GLY B 120 -8.87 14.79 -2.25
N LEU B 121 -7.66 15.29 -2.00
CA LEU B 121 -7.46 16.67 -1.61
C LEU B 121 -7.83 17.64 -2.71
N ASP B 122 -7.94 17.18 -3.95
CA ASP B 122 -8.60 17.96 -4.99
C ASP B 122 -10.10 17.94 -4.76
N ASN B 123 -10.81 18.83 -5.45
CA ASN B 123 -12.24 19.01 -5.26
C ASN B 123 -13.06 18.27 -6.30
N ILE B 124 -12.58 17.11 -6.76
CA ILE B 124 -13.24 16.35 -7.82
C ILE B 124 -13.43 14.92 -7.35
N CYS B 125 -14.67 14.44 -7.40
CA CYS B 125 -14.99 13.04 -7.12
C CYS B 125 -15.14 12.33 -8.46
N SER B 126 -14.12 11.60 -8.87
CA SER B 126 -14.08 10.96 -10.18
C SER B 126 -14.89 9.68 -10.15
N ILE B 127 -15.59 9.39 -11.24
CA ILE B 127 -16.39 8.19 -11.40
C ILE B 127 -15.71 7.31 -12.44
N TYR B 128 -15.48 6.04 -12.07
CA TYR B 128 -14.83 5.08 -12.95
C TYR B 128 -15.83 4.01 -13.35
N ASN B 129 -15.86 3.68 -14.64
CA ASN B 129 -16.73 2.64 -15.16
C ASN B 129 -15.96 1.33 -15.24
N LEU B 130 -16.33 0.37 -14.39
CA LEU B 130 -15.62 -0.91 -14.34
C LEU B 130 -16.06 -1.88 -15.41
N LYS B 131 -17.20 -1.65 -16.05
CA LYS B 131 -17.77 -2.58 -17.02
C LYS B 131 -17.72 -2.03 -18.43
N THR B 132 -16.67 -1.28 -18.75
CA THR B 132 -16.51 -0.77 -20.10
C THR B 132 -16.21 -1.91 -21.08
N ARG B 133 -16.85 -1.87 -22.24
CA ARG B 133 -16.51 -2.82 -23.29
C ARG B 133 -15.08 -2.64 -23.78
N GLU B 134 -14.49 -1.46 -23.53
CA GLU B 134 -13.07 -1.26 -23.79
C GLU B 134 -12.20 -2.06 -22.84
N GLY B 135 -12.77 -2.60 -21.76
CA GLY B 135 -12.01 -3.37 -20.80
C GLY B 135 -11.26 -2.49 -19.83
N ASN B 136 -10.45 -1.57 -20.35
CA ASN B 136 -9.72 -0.63 -19.51
C ASN B 136 -10.69 0.25 -18.74
N VAL B 137 -10.44 0.41 -17.43
CA VAL B 137 -11.29 1.27 -16.62
C VAL B 137 -10.96 2.73 -16.93
N ARG B 138 -11.99 3.51 -17.25
CA ARG B 138 -11.82 4.91 -17.60
C ARG B 138 -12.68 5.78 -16.69
N VAL B 139 -12.28 7.04 -16.55
CA VAL B 139 -13.04 8.00 -15.77
C VAL B 139 -14.30 8.35 -16.54
N SER B 140 -15.46 7.85 -16.08
CA SER B 140 -16.70 8.13 -16.77
C SER B 140 -17.00 9.63 -16.78
N ARG B 141 -16.79 10.30 -15.64
CA ARG B 141 -16.99 11.74 -15.56
C ARG B 141 -16.27 12.27 -14.34
N GLU B 142 -15.95 13.57 -14.38
CA GLU B 142 -15.29 14.27 -13.29
C GLU B 142 -16.27 15.28 -12.70
N LEU B 143 -16.49 15.19 -11.39
CA LEU B 143 -17.45 16.03 -10.69
C LEU B 143 -16.70 17.14 -9.98
N ALA B 144 -16.36 18.19 -10.72
CA ALA B 144 -15.62 19.33 -10.21
C ALA B 144 -16.54 20.48 -9.82
N GLY B 145 -17.32 20.29 -8.75
CA GLY B 145 -18.23 21.32 -8.28
C GLY B 145 -17.93 21.81 -6.87
N HIS B 146 -16.93 21.23 -6.23
CA HIS B 146 -16.60 21.57 -4.86
C HIS B 146 -15.40 22.51 -4.80
N THR B 147 -15.28 23.23 -3.68
CA THR B 147 -14.19 24.16 -3.44
C THR B 147 -13.21 23.66 -2.39
N GLY B 148 -13.43 22.47 -1.82
CA GLY B 148 -12.54 21.93 -0.82
C GLY B 148 -12.30 20.46 -1.05
N TYR B 149 -11.42 19.89 -0.23
CA TYR B 149 -11.08 18.47 -0.35
C TYR B 149 -12.32 17.62 -0.14
N LEU B 150 -12.43 16.55 -0.91
CA LEU B 150 -13.59 15.66 -0.83
C LEU B 150 -13.34 14.61 0.24
N SER B 151 -14.28 14.49 1.19
CA SER B 151 -14.14 13.58 2.31
C SER B 151 -14.86 12.25 2.11
N CYS B 152 -15.96 12.24 1.34
CA CYS B 152 -16.71 11.01 1.12
C CYS B 152 -17.60 11.18 -0.11
N CYS B 153 -17.53 10.19 -0.99
CA CYS B 153 -18.36 10.13 -2.18
C CYS B 153 -19.05 8.77 -2.21
N ARG B 154 -20.38 8.77 -2.22
CA ARG B 154 -21.14 7.53 -2.07
C ARG B 154 -22.22 7.45 -3.14
N PHE B 155 -22.40 6.26 -3.70
CA PHE B 155 -23.39 6.05 -4.75
C PHE B 155 -24.76 5.73 -4.16
N LEU B 156 -25.81 6.34 -4.72
CA LEU B 156 -27.18 5.90 -4.48
C LEU B 156 -27.70 5.06 -5.62
N ASP B 157 -27.42 5.46 -6.85
CA ASP B 157 -27.77 4.71 -8.04
C ASP B 157 -26.59 4.74 -9.00
N ASP B 158 -26.75 4.06 -10.13
CA ASP B 158 -25.69 4.09 -11.15
C ASP B 158 -25.54 5.47 -11.75
N ASN B 159 -26.54 6.34 -11.60
CA ASN B 159 -26.52 7.68 -12.17
C ASN B 159 -26.47 8.77 -11.11
N GLN B 160 -26.71 8.44 -9.84
CA GLN B 160 -26.74 9.43 -8.77
C GLN B 160 -25.67 9.09 -7.73
N ILE B 161 -24.84 10.07 -7.39
CA ILE B 161 -23.80 9.91 -6.39
C ILE B 161 -23.80 11.17 -5.51
N VAL B 162 -23.68 10.97 -4.20
CA VAL B 162 -23.65 12.06 -3.24
C VAL B 162 -22.22 12.20 -2.70
N THR B 163 -21.76 13.44 -2.59
CA THR B 163 -20.37 13.73 -2.26
C THR B 163 -20.30 14.61 -1.02
N SER B 164 -19.21 14.46 -0.28
CA SER B 164 -18.91 15.27 0.89
C SER B 164 -17.58 15.97 0.69
N SER B 165 -17.51 17.25 1.04
CA SER B 165 -16.33 18.07 0.77
C SER B 165 -15.96 18.89 1.98
N GLY B 166 -14.67 19.25 2.06
CA GLY B 166 -14.20 20.08 3.15
C GLY B 166 -14.79 21.48 3.14
N ASP B 167 -15.41 21.86 2.02
CA ASP B 167 -16.07 23.17 1.92
C ASP B 167 -17.31 23.28 2.79
N THR B 168 -17.62 22.29 3.61
CA THR B 168 -18.70 22.29 4.61
C THR B 168 -20.07 22.04 4.00
N THR B 169 -20.16 21.63 2.73
CA THR B 169 -21.44 21.35 2.10
C THR B 169 -21.33 20.07 1.27
N CYS B 170 -22.37 19.25 1.33
CA CYS B 170 -22.48 18.06 0.49
C CYS B 170 -23.22 18.40 -0.79
N ALA B 171 -23.13 17.50 -1.77
CA ALA B 171 -23.73 17.72 -3.07
C ALA B 171 -24.25 16.41 -3.64
N LEU B 172 -25.48 16.45 -4.13
CA LEU B 172 -26.05 15.33 -4.88
C LEU B 172 -25.82 15.56 -6.37
N TRP B 173 -25.26 14.55 -7.03
CA TRP B 173 -24.81 14.66 -8.41
C TRP B 173 -25.68 13.78 -9.30
N ASP B 174 -26.18 14.36 -10.40
CA ASP B 174 -26.74 13.58 -11.50
C ASP B 174 -25.60 13.31 -12.46
N ILE B 175 -25.07 12.07 -12.41
CA ILE B 175 -23.80 11.78 -13.06
C ILE B 175 -23.90 12.00 -14.56
N GLU B 176 -24.99 11.56 -15.18
CA GLU B 176 -25.11 11.71 -16.63
C GLU B 176 -25.07 13.17 -17.06
N THR B 177 -25.66 14.07 -16.27
CA THR B 177 -25.62 15.48 -16.59
C THR B 177 -24.33 16.14 -16.11
N GLY B 178 -23.75 15.64 -15.02
CA GLY B 178 -22.52 16.20 -14.50
C GLY B 178 -22.69 17.44 -13.66
N GLN B 179 -23.91 17.75 -13.26
CA GLN B 179 -24.21 18.93 -12.44
C GLN B 179 -24.83 18.51 -11.12
N GLN B 180 -24.55 19.29 -10.08
CA GLN B 180 -25.08 19.01 -8.75
C GLN B 180 -26.60 19.12 -8.76
N THR B 181 -27.28 17.98 -8.58
CA THR B 181 -28.74 18.00 -8.50
C THR B 181 -29.22 18.81 -7.30
N THR B 182 -28.53 18.65 -6.17
CA THR B 182 -28.89 19.33 -4.94
C THR B 182 -27.63 19.61 -4.13
N THR B 183 -27.68 20.67 -3.33
CA THR B 183 -26.57 21.06 -2.47
C THR B 183 -27.05 21.15 -1.02
N PHE B 184 -26.23 20.67 -0.11
CA PHE B 184 -26.54 20.62 1.33
C PHE B 184 -25.56 21.53 2.04
N THR B 185 -25.97 22.77 2.28
CA THR B 185 -25.09 23.79 2.85
C THR B 185 -25.32 24.05 4.34
N GLY B 186 -26.08 23.19 5.01
CA GLY B 186 -26.39 23.42 6.42
C GLY B 186 -25.20 23.31 7.35
N HIS B 187 -24.17 22.55 7.00
CA HIS B 187 -23.02 22.36 7.87
C HIS B 187 -22.14 23.61 7.86
N THR B 188 -21.70 24.01 9.05
CA THR B 188 -20.77 25.13 9.19
C THR B 188 -19.31 24.71 9.14
N GLY B 189 -19.00 23.49 9.59
CA GLY B 189 -17.66 22.96 9.53
C GLY B 189 -17.50 21.96 8.41
N ASP B 190 -16.25 21.57 8.17
CA ASP B 190 -15.96 20.62 7.10
C ASP B 190 -16.66 19.29 7.36
N VAL B 191 -17.33 18.77 6.34
CA VAL B 191 -17.98 17.47 6.44
C VAL B 191 -16.96 16.39 6.08
N MET B 192 -16.79 15.43 6.99
CA MET B 192 -15.71 14.44 6.87
C MET B 192 -16.18 13.07 6.41
N SER B 193 -17.47 12.77 6.49
CA SER B 193 -17.96 11.45 6.14
C SER B 193 -19.42 11.53 5.72
N LEU B 194 -19.87 10.51 4.99
CA LEU B 194 -21.23 10.44 4.48
C LEU B 194 -21.66 8.98 4.42
N SER B 195 -22.84 8.69 4.97
CA SER B 195 -23.38 7.34 4.99
C SER B 195 -24.82 7.38 4.49
N LEU B 196 -25.14 6.51 3.53
CA LEU B 196 -26.48 6.45 2.97
C LEU B 196 -27.35 5.49 3.79
N ALA B 197 -28.65 5.79 3.83
CA ALA B 197 -29.59 4.91 4.49
C ALA B 197 -29.82 3.66 3.65
N PRO B 198 -30.32 2.59 4.26
CA PRO B 198 -30.59 1.37 3.47
C PRO B 198 -31.51 1.61 2.29
N ASP B 199 -32.52 2.45 2.46
CA ASP B 199 -33.43 2.79 1.38
C ASP B 199 -32.87 3.87 0.45
N THR B 200 -31.79 4.54 0.84
CA THR B 200 -31.14 5.56 0.03
C THR B 200 -32.01 6.80 -0.16
N ARG B 201 -33.10 6.92 0.61
CA ARG B 201 -33.92 8.13 0.57
C ARG B 201 -33.28 9.29 1.33
N LEU B 202 -32.48 9.00 2.35
CA LEU B 202 -31.85 10.02 3.18
C LEU B 202 -30.47 9.54 3.59
N PHE B 203 -29.61 10.50 3.96
CA PHE B 203 -28.25 10.19 4.37
C PHE B 203 -27.84 11.13 5.48
N VAL B 204 -26.81 10.72 6.23
CA VAL B 204 -26.28 11.49 7.34
C VAL B 204 -24.81 11.75 7.08
N SER B 205 -24.37 12.97 7.40
CA SER B 205 -22.99 13.39 7.20
C SER B 205 -22.44 13.96 8.50
N GLY B 206 -21.21 13.57 8.84
CA GLY B 206 -20.52 14.08 10.01
C GLY B 206 -19.53 15.16 9.58
N ALA B 207 -19.28 16.12 10.47
CA ALA B 207 -18.44 17.27 10.16
C ALA B 207 -17.54 17.59 11.33
N CYS B 208 -16.51 18.40 11.05
CA CYS B 208 -15.53 18.75 12.07
C CYS B 208 -16.12 19.62 13.18
N ASP B 209 -17.32 20.16 12.98
CA ASP B 209 -17.98 20.96 14.01
C ASP B 209 -18.59 20.12 15.11
N ALA B 210 -18.26 18.83 15.19
CA ALA B 210 -18.76 17.94 16.23
C ALA B 210 -20.29 17.83 16.19
N SER B 211 -20.84 17.76 14.98
CA SER B 211 -22.26 17.62 14.79
C SER B 211 -22.54 16.81 13.53
N ALA B 212 -23.70 16.14 13.52
CA ALA B 212 -24.14 15.36 12.37
C ALA B 212 -25.56 15.80 12.01
N LYS B 213 -25.83 15.91 10.72
CA LYS B 213 -27.12 16.37 10.21
C LYS B 213 -27.74 15.30 9.33
N LEU B 214 -29.06 15.18 9.42
CA LEU B 214 -29.82 14.24 8.60
C LEU B 214 -30.27 14.95 7.33
N TRP B 215 -29.89 14.39 6.18
CA TRP B 215 -30.16 15.00 4.88
C TRP B 215 -31.14 14.12 4.10
N ASP B 216 -32.09 14.76 3.44
CA ASP B 216 -33.06 14.07 2.61
C ASP B 216 -32.67 14.25 1.14
N VAL B 217 -32.51 13.14 0.42
CA VAL B 217 -32.01 13.20 -0.94
C VAL B 217 -33.01 13.91 -1.85
N ARG B 218 -34.29 13.54 -1.75
CA ARG B 218 -35.28 14.04 -2.70
C ARG B 218 -35.52 15.54 -2.52
N GLU B 219 -35.65 15.99 -1.27
CA GLU B 219 -35.96 17.40 -1.02
C GLU B 219 -34.71 18.23 -0.72
N GLY B 220 -33.71 17.64 -0.09
CA GLY B 220 -32.46 18.33 0.14
C GLY B 220 -32.50 19.39 1.22
N MET B 221 -32.80 18.98 2.46
CA MET B 221 -32.76 19.90 3.60
C MET B 221 -32.45 19.09 4.85
N CYS B 222 -31.99 19.81 5.88
CA CYS B 222 -31.58 19.19 7.14
C CYS B 222 -32.82 18.97 8.00
N ARG B 223 -33.31 17.72 8.04
CA ARG B 223 -34.45 17.41 8.89
C ARG B 223 -34.11 17.48 10.37
N GLN B 224 -32.90 17.09 10.75
CA GLN B 224 -32.50 17.12 12.15
C GLN B 224 -30.98 17.15 12.24
N THR B 225 -30.48 17.56 13.40
CA THR B 225 -29.06 17.66 13.66
C THR B 225 -28.74 17.02 15.01
N PHE B 226 -27.55 16.45 15.12
CA PHE B 226 -27.08 15.81 16.33
C PHE B 226 -25.74 16.42 16.72
N THR B 227 -25.56 16.68 18.01
CA THR B 227 -24.35 17.34 18.51
C THR B 227 -23.76 16.66 19.73
N GLY B 228 -23.84 15.33 19.83
CA GLY B 228 -23.31 14.65 21.00
C GLY B 228 -21.81 14.75 21.13
N HIS B 229 -21.09 14.64 20.02
CA HIS B 229 -19.64 14.61 20.08
C HIS B 229 -19.07 15.96 20.52
N GLU B 230 -17.91 15.92 21.15
CA GLU B 230 -17.20 17.11 21.60
C GLU B 230 -16.03 17.48 20.70
N SER B 231 -15.83 16.77 19.59
CA SER B 231 -14.70 17.03 18.70
C SER B 231 -15.12 16.69 17.28
N ASP B 232 -14.16 16.85 16.36
CA ASP B 232 -14.43 16.64 14.95
C ASP B 232 -14.91 15.21 14.69
N ILE B 233 -16.02 15.08 13.97
CA ILE B 233 -16.55 13.77 13.59
C ILE B 233 -15.82 13.30 12.34
N ASN B 234 -15.27 12.09 12.39
CA ASN B 234 -14.48 11.56 11.29
C ASN B 234 -15.24 10.55 10.44
N ALA B 235 -16.18 9.81 11.02
CA ALA B 235 -16.88 8.76 10.30
C ALA B 235 -18.28 8.57 10.87
N ILE B 236 -19.20 8.15 10.00
CA ILE B 236 -20.56 7.79 10.39
C ILE B 236 -21.02 6.63 9.52
N CYS B 237 -21.81 5.75 10.12
CA CYS B 237 -22.38 4.61 9.41
C CYS B 237 -23.81 4.40 9.86
N PHE B 238 -24.64 3.90 8.95
CA PHE B 238 -26.05 3.70 9.23
C PHE B 238 -26.30 2.34 9.86
N PHE B 239 -27.14 2.31 10.89
CA PHE B 239 -27.57 1.06 11.48
C PHE B 239 -28.34 0.25 10.45
N PRO B 240 -28.22 -1.09 10.46
CA PRO B 240 -28.87 -1.88 9.40
C PRO B 240 -30.37 -1.65 9.30
N ASN B 241 -31.06 -1.42 10.42
CA ASN B 241 -32.48 -1.13 10.34
C ASN B 241 -32.74 0.15 9.55
N GLY B 242 -31.78 1.05 9.52
CA GLY B 242 -31.92 2.29 8.79
C GLY B 242 -32.49 3.45 9.57
N ASN B 243 -32.93 3.23 10.80
CA ASN B 243 -33.48 4.29 11.65
C ASN B 243 -32.48 4.79 12.67
N ALA B 244 -31.21 4.38 12.59
CA ALA B 244 -30.19 4.83 13.52
C ALA B 244 -28.84 4.81 12.82
N PHE B 245 -27.89 5.55 13.39
CA PHE B 245 -26.54 5.60 12.85
C PHE B 245 -25.56 5.83 13.99
N ALA B 246 -24.30 5.45 13.75
CA ALA B 246 -23.23 5.58 14.72
C ALA B 246 -22.21 6.60 14.22
N THR B 247 -21.65 7.37 15.14
CA THR B 247 -20.71 8.43 14.82
C THR B 247 -19.31 8.08 15.31
N GLY B 248 -18.31 8.61 14.61
CA GLY B 248 -16.92 8.46 15.03
C GLY B 248 -16.20 9.79 14.95
N SER B 249 -15.46 10.15 16.00
CA SER B 249 -14.89 11.48 16.11
C SER B 249 -13.52 11.40 16.76
N ASP B 250 -12.80 12.52 16.71
CA ASP B 250 -11.52 12.63 17.40
C ASP B 250 -11.68 12.62 18.91
N ASP B 251 -12.91 12.74 19.42
CA ASP B 251 -13.16 12.70 20.86
C ASP B 251 -12.79 11.35 21.47
N ALA B 252 -12.39 10.38 20.66
CA ALA B 252 -12.00 9.05 21.14
C ALA B 252 -13.21 8.25 21.62
N THR B 253 -14.38 8.56 21.09
CA THR B 253 -15.63 7.88 21.45
C THR B 253 -16.50 7.73 20.21
N CYS B 254 -17.35 6.71 20.24
CA CYS B 254 -18.40 6.52 19.25
C CYS B 254 -19.76 6.66 19.92
N ARG B 255 -20.69 7.27 19.21
CA ARG B 255 -22.02 7.57 19.75
C ARG B 255 -23.08 7.08 18.78
N LEU B 256 -24.17 6.57 19.34
CA LEU B 256 -25.30 6.05 18.58
C LEU B 256 -26.44 7.05 18.63
N PHE B 257 -26.98 7.39 17.46
CA PHE B 257 -28.08 8.35 17.34
C PHE B 257 -29.24 7.70 16.59
N ASP B 258 -30.46 7.99 17.05
CA ASP B 258 -31.68 7.46 16.45
C ASP B 258 -32.38 8.59 15.73
N LEU B 259 -32.78 8.33 14.48
CA LEU B 259 -33.44 9.35 13.66
C LEU B 259 -34.83 9.69 14.19
N ARG B 260 -35.49 8.77 14.90
CA ARG B 260 -36.84 8.99 15.39
C ARG B 260 -36.91 9.41 16.85
N ALA B 261 -35.98 8.96 17.68
CA ALA B 261 -35.91 9.40 19.07
C ALA B 261 -35.23 10.75 19.22
N ASP B 262 -34.51 11.21 18.21
CA ASP B 262 -33.92 12.54 18.13
C ASP B 262 -32.80 12.75 19.14
N GLN B 263 -32.43 11.75 19.93
CA GLN B 263 -31.46 11.93 21.00
C GLN B 263 -30.43 10.81 20.96
N GLU B 264 -29.26 11.11 21.53
CA GLU B 264 -28.19 10.12 21.64
C GLU B 264 -28.67 8.94 22.47
N LEU B 265 -28.35 7.72 22.02
CA LEU B 265 -28.78 6.53 22.73
C LEU B 265 -27.68 5.98 23.63
N MET B 266 -26.46 5.84 23.11
CA MET B 266 -25.39 5.24 23.88
C MET B 266 -24.06 5.68 23.28
N THR B 267 -22.99 5.50 24.07
CA THR B 267 -21.65 5.87 23.67
C THR B 267 -20.71 4.67 23.83
N TYR B 268 -19.68 4.63 23.00
CA TYR B 268 -18.68 3.56 23.01
C TYR B 268 -17.32 4.20 23.27
N SER B 269 -16.83 4.06 24.49
CA SER B 269 -15.54 4.62 24.86
C SER B 269 -14.98 3.86 26.06
N HIS B 270 -13.66 3.92 26.21
CA HIS B 270 -12.97 3.30 27.34
C HIS B 270 -11.80 4.18 27.75
N ASP B 271 -11.49 4.19 29.04
CA ASP B 271 -10.39 5.01 29.54
C ASP B 271 -9.06 4.63 28.91
N ASN B 272 -8.89 3.38 28.51
CA ASN B 272 -7.64 2.95 27.88
C ASN B 272 -7.46 3.54 26.49
N ILE B 273 -8.52 4.09 25.90
CA ILE B 273 -8.47 4.69 24.57
C ILE B 273 -8.49 6.20 24.73
N ILE B 274 -7.49 6.87 24.17
CA ILE B 274 -7.34 8.31 24.31
C ILE B 274 -7.09 8.94 22.95
N CYS B 275 -7.40 8.21 21.88
CA CYS B 275 -7.13 8.66 20.52
C CYS B 275 -8.41 8.63 19.70
N GLY B 276 -8.40 9.37 18.60
CA GLY B 276 -9.59 9.55 17.80
C GLY B 276 -9.97 8.29 17.03
N ILE B 277 -11.20 8.30 16.52
CA ILE B 277 -11.71 7.18 15.73
C ILE B 277 -11.61 7.52 14.26
N THR B 278 -11.27 6.53 13.44
CA THR B 278 -11.10 6.73 12.00
C THR B 278 -12.30 6.26 11.19
N SER B 279 -12.92 5.16 11.57
CA SER B 279 -14.03 4.60 10.79
C SER B 279 -14.94 3.80 11.71
N VAL B 280 -16.17 3.58 11.25
CA VAL B 280 -17.16 2.82 11.98
C VAL B 280 -18.02 2.03 10.99
N SER B 281 -18.48 0.85 11.44
CA SER B 281 -19.31 0.01 10.60
C SER B 281 -20.14 -0.90 11.51
N PHE B 282 -21.18 -1.50 10.93
CA PHE B 282 -22.08 -2.39 11.65
C PHE B 282 -22.14 -3.74 10.94
N SER B 283 -22.52 -4.77 11.69
CA SER B 283 -22.79 -6.08 11.12
C SER B 283 -24.23 -6.15 10.64
N LYS B 284 -24.59 -7.27 10.02
CA LYS B 284 -25.95 -7.44 9.51
C LYS B 284 -26.97 -7.34 10.64
N SER B 285 -26.73 -8.03 11.75
CA SER B 285 -27.64 -7.95 12.88
C SER B 285 -27.59 -6.60 13.57
N GLY B 286 -26.51 -5.85 13.40
CA GLY B 286 -26.33 -4.58 14.06
C GLY B 286 -25.84 -4.68 15.50
N ARG B 287 -25.61 -5.89 16.00
CA ARG B 287 -25.15 -6.05 17.38
C ARG B 287 -23.70 -5.65 17.54
N LEU B 288 -22.90 -5.75 16.48
CA LEU B 288 -21.47 -5.46 16.53
C LEU B 288 -21.19 -4.17 15.79
N LEU B 289 -20.39 -3.30 16.41
CA LEU B 289 -19.96 -2.04 15.81
C LEU B 289 -18.45 -2.11 15.63
N LEU B 290 -18.01 -2.17 14.37
CA LEU B 290 -16.59 -2.26 14.04
C LEU B 290 -16.04 -0.84 13.89
N ALA B 291 -15.16 -0.44 14.80
CA ALA B 291 -14.63 0.92 14.86
C ALA B 291 -13.11 0.88 14.74
N GLY B 292 -12.56 1.73 13.89
CA GLY B 292 -11.12 1.88 13.77
C GLY B 292 -10.62 2.98 14.69
N TYR B 293 -9.34 2.88 15.07
CA TYR B 293 -8.74 3.81 16.02
C TYR B 293 -7.33 4.15 15.58
N ASP B 294 -6.83 5.27 16.13
CA ASP B 294 -5.50 5.75 15.75
C ASP B 294 -4.39 4.93 16.42
N ASP B 295 -4.77 4.03 17.33
CA ASP B 295 -3.78 3.26 18.08
C ASP B 295 -3.41 1.99 17.32
N PHE B 296 -3.63 1.99 16.00
CA PHE B 296 -3.25 0.90 15.11
C PHE B 296 -4.11 -0.34 15.28
N ASN B 297 -5.26 -0.20 15.94
CA ASN B 297 -6.12 -1.34 16.24
C ASN B 297 -7.58 -0.95 16.05
N CYS B 298 -8.41 -1.96 15.82
CA CYS B 298 -9.85 -1.80 15.73
C CYS B 298 -10.52 -2.56 16.87
N ASN B 299 -11.45 -1.90 17.55
CA ASN B 299 -12.16 -2.47 18.68
C ASN B 299 -13.61 -2.73 18.31
N VAL B 300 -14.06 -3.96 18.55
CA VAL B 300 -15.43 -4.37 18.28
C VAL B 300 -16.28 -4.09 19.51
N TRP B 301 -17.38 -3.37 19.33
CA TRP B 301 -18.22 -2.91 20.43
C TRP B 301 -19.58 -3.58 20.34
N ASP B 302 -20.11 -3.99 21.50
CA ASP B 302 -21.47 -4.50 21.58
C ASP B 302 -22.45 -3.34 21.38
N ALA B 303 -23.09 -3.27 20.22
CA ALA B 303 -23.93 -2.12 19.88
C ALA B 303 -25.08 -1.93 20.85
N LEU B 304 -25.50 -2.98 21.57
CA LEU B 304 -26.60 -2.86 22.52
C LEU B 304 -26.14 -2.65 23.96
N LYS B 305 -24.86 -2.86 24.26
CA LYS B 305 -24.36 -2.69 25.61
C LYS B 305 -23.04 -1.92 25.68
N ALA B 306 -22.45 -1.53 24.55
CA ALA B 306 -21.22 -0.73 24.51
C ALA B 306 -20.02 -1.47 25.09
N ASP B 307 -20.12 -2.78 25.27
CA ASP B 307 -18.98 -3.55 25.76
C ASP B 307 -18.07 -3.94 24.60
N ARG B 308 -16.77 -3.80 24.81
CA ARG B 308 -15.79 -4.13 23.77
C ARG B 308 -15.76 -5.64 23.60
N ALA B 309 -16.35 -6.12 22.49
CA ALA B 309 -16.46 -7.55 22.27
C ALA B 309 -15.21 -8.16 21.65
N GLY B 310 -14.27 -7.35 21.19
CA GLY B 310 -13.05 -7.88 20.60
C GLY B 310 -12.15 -6.76 20.12
N VAL B 311 -10.95 -7.15 19.73
CA VAL B 311 -9.94 -6.22 19.22
C VAL B 311 -9.29 -6.85 17.99
N LEU B 312 -9.14 -6.06 16.93
CA LEU B 312 -8.51 -6.53 15.69
C LEU B 312 -7.12 -5.93 15.61
N ALA B 313 -6.14 -6.62 16.17
CA ALA B 313 -4.74 -6.19 16.12
C ALA B 313 -4.13 -6.57 14.77
N GLY B 314 -2.81 -6.47 14.67
CA GLY B 314 -2.12 -6.88 13.46
C GLY B 314 -1.85 -5.79 12.45
N HIS B 315 -2.06 -4.53 12.81
CA HIS B 315 -1.77 -3.40 11.94
C HIS B 315 -0.62 -2.60 12.54
N ASP B 316 0.38 -2.30 11.70
CA ASP B 316 1.58 -1.59 12.13
C ASP B 316 1.41 -0.09 12.10
N ASN B 317 0.28 0.43 11.63
CA ASN B 317 0.04 1.85 11.56
C ASN B 317 -1.45 2.11 11.78
N ARG B 318 -1.84 3.38 11.76
CA ARG B 318 -3.21 3.77 12.04
C ARG B 318 -4.18 3.07 11.10
N VAL B 319 -5.28 2.58 11.66
CA VAL B 319 -6.35 1.98 10.87
C VAL B 319 -7.16 3.13 10.27
N SER B 320 -7.18 3.21 8.94
CA SER B 320 -7.82 4.34 8.27
C SER B 320 -9.28 4.03 7.91
N CYS B 321 -9.55 2.81 7.43
CA CYS B 321 -10.88 2.47 6.95
C CYS B 321 -11.19 1.01 7.27
N LEU B 322 -12.49 0.71 7.36
CA LEU B 322 -12.96 -0.64 7.57
C LEU B 322 -14.40 -0.73 7.07
N GLY B 323 -14.86 -1.97 6.89
CA GLY B 323 -16.21 -2.20 6.41
C GLY B 323 -16.63 -3.65 6.52
N VAL B 324 -17.94 -3.89 6.62
CA VAL B 324 -18.50 -5.22 6.76
C VAL B 324 -19.18 -5.60 5.45
N THR B 325 -19.10 -6.89 5.10
CA THR B 325 -19.73 -7.37 3.88
C THR B 325 -21.24 -7.27 3.97
N ASP B 326 -21.88 -7.14 2.81
CA ASP B 326 -23.35 -7.12 2.77
C ASP B 326 -23.92 -8.43 3.27
N ASP B 327 -23.31 -9.55 2.89
CA ASP B 327 -23.74 -10.87 3.37
C ASP B 327 -23.37 -11.12 4.82
N GLY B 328 -22.56 -10.25 5.43
CA GLY B 328 -22.18 -10.42 6.81
C GLY B 328 -21.17 -11.51 7.07
N MET B 329 -20.30 -11.83 6.11
CA MET B 329 -19.33 -12.91 6.30
C MET B 329 -18.07 -12.40 6.99
N ALA B 330 -17.40 -11.42 6.39
CA ALA B 330 -16.12 -10.93 6.87
C ALA B 330 -16.11 -9.41 6.89
N VAL B 331 -15.21 -8.86 7.70
CA VAL B 331 -15.02 -7.42 7.81
C VAL B 331 -13.60 -7.09 7.35
N ALA B 332 -13.49 -6.14 6.42
CA ALA B 332 -12.19 -5.70 5.93
C ALA B 332 -11.74 -4.46 6.70
N THR B 333 -10.43 -4.34 6.85
CA THR B 333 -9.82 -3.22 7.55
C THR B 333 -8.65 -2.68 6.74
N GLY B 334 -8.46 -1.37 6.78
CA GLY B 334 -7.35 -0.73 6.11
C GLY B 334 -6.61 0.19 7.07
N SER B 335 -5.30 0.23 6.91
CA SER B 335 -4.45 0.99 7.80
C SER B 335 -3.35 1.68 7.00
N TRP B 336 -2.79 2.73 7.59
CA TRP B 336 -1.71 3.49 6.95
C TRP B 336 -0.48 2.64 6.67
N ASP B 337 -0.42 1.41 7.18
CA ASP B 337 0.68 0.52 6.87
C ASP B 337 0.61 -0.02 5.44
N SER B 338 -0.46 0.27 4.71
CA SER B 338 -0.67 -0.13 3.32
C SER B 338 -1.12 -1.58 3.20
N PHE B 339 -1.63 -2.19 4.26
CA PHE B 339 -2.12 -3.56 4.26
C PHE B 339 -3.60 -3.60 4.58
N LEU B 340 -4.36 -4.31 3.74
CA LEU B 340 -5.76 -4.60 4.01
C LEU B 340 -5.89 -6.07 4.40
N LYS B 341 -6.54 -6.32 5.53
CA LYS B 341 -6.71 -7.66 6.06
C LYS B 341 -8.18 -7.97 6.26
N ILE B 342 -8.60 -9.14 5.80
CA ILE B 342 -9.98 -9.60 5.91
C ILE B 342 -10.12 -10.42 7.18
N TRP B 343 -11.12 -10.09 8.00
CA TRP B 343 -11.34 -10.73 9.28
C TRP B 343 -12.68 -11.44 9.27
N ASN B 344 -12.70 -12.67 9.80
CA ASN B 344 -13.92 -13.47 9.85
C ASN B 344 -14.04 -14.15 11.21
N VAL C 1 -14.62 -1.72 -29.55
CA VAL C 1 -13.98 -3.06 -29.42
C VAL C 1 -14.11 -3.81 -30.75
N GLN C 2 -12.97 -4.30 -31.26
CA GLN C 2 -12.97 -5.02 -32.53
C GLN C 2 -11.76 -5.93 -32.57
N LEU C 3 -11.92 -7.06 -33.26
CA LEU C 3 -10.85 -8.00 -33.53
C LEU C 3 -10.89 -8.38 -35.00
N VAL C 4 -9.72 -8.33 -35.65
CA VAL C 4 -9.64 -8.57 -37.09
C VAL C 4 -8.56 -9.60 -37.39
N GLU C 5 -8.98 -10.80 -37.80
CA GLU C 5 -8.04 -11.85 -38.15
C GLU C 5 -7.45 -11.60 -39.54
N SER C 6 -6.34 -12.29 -39.81
CA SER C 6 -5.67 -12.18 -41.11
C SER C 6 -4.76 -13.39 -41.28
N GLY C 7 -4.34 -13.61 -42.52
CA GLY C 7 -3.43 -14.69 -42.85
C GLY C 7 -4.05 -15.91 -43.48
N GLY C 8 -5.34 -15.85 -43.83
CA GLY C 8 -5.98 -17.00 -44.43
C GLY C 8 -5.47 -17.28 -45.83
N GLY C 9 -5.67 -18.52 -46.26
CA GLY C 9 -5.24 -18.93 -47.58
C GLY C 9 -5.28 -20.44 -47.71
N LEU C 10 -4.69 -20.92 -48.80
CA LEU C 10 -4.59 -22.34 -49.10
C LEU C 10 -3.14 -22.78 -48.93
N VAL C 11 -2.96 -23.92 -48.28
CA VAL C 11 -1.63 -24.41 -47.91
C VAL C 11 -1.40 -25.78 -48.57
N GLN C 12 -0.20 -25.97 -49.10
CA GLN C 12 0.17 -27.26 -49.66
C GLN C 12 0.37 -28.27 -48.53
N PRO C 13 0.34 -29.57 -48.85
CA PRO C 13 0.52 -30.58 -47.80
C PRO C 13 1.80 -30.36 -47.04
N GLY C 14 1.71 -30.45 -45.71
CA GLY C 14 2.87 -30.22 -44.87
C GLY C 14 3.40 -28.81 -44.91
N GLY C 15 2.59 -27.84 -45.33
CA GLY C 15 3.04 -26.47 -45.43
C GLY C 15 3.02 -25.77 -44.09
N SER C 16 3.45 -24.50 -44.12
CA SER C 16 3.55 -23.68 -42.93
C SER C 16 3.02 -22.29 -43.22
N ARG C 17 2.21 -21.75 -42.31
CA ARG C 17 1.71 -20.39 -42.41
C ARG C 17 1.42 -19.87 -41.02
N LYS C 18 1.33 -18.55 -40.91
CA LYS C 18 1.07 -17.87 -39.65
C LYS C 18 -0.18 -17.01 -39.79
N LEU C 19 -1.11 -17.17 -38.84
CA LEU C 19 -2.31 -16.34 -38.80
C LEU C 19 -2.11 -15.20 -37.80
N SER C 20 -2.73 -14.06 -38.11
CA SER C 20 -2.59 -12.87 -37.29
C SER C 20 -3.97 -12.30 -36.98
N CYS C 21 -4.05 -11.59 -35.86
CA CYS C 21 -5.31 -10.99 -35.43
C CYS C 21 -4.99 -9.70 -34.67
N SER C 22 -5.36 -8.56 -35.24
CA SER C 22 -5.12 -7.27 -34.59
C SER C 22 -6.29 -6.92 -33.67
N ALA C 23 -5.97 -6.18 -32.61
CA ALA C 23 -6.95 -5.76 -31.62
C ALA C 23 -7.00 -4.25 -31.54
N SER C 24 -8.22 -3.71 -31.40
CA SER C 24 -8.40 -2.28 -31.28
C SER C 24 -9.67 -2.02 -30.47
N GLY C 25 -9.72 -0.83 -29.86
CA GLY C 25 -10.88 -0.44 -29.09
C GLY C 25 -10.94 -0.99 -27.69
N PHE C 26 -9.96 -1.77 -27.27
CA PHE C 26 -9.94 -2.32 -25.91
C PHE C 26 -8.50 -2.63 -25.53
N ALA C 27 -8.29 -2.81 -24.22
CA ALA C 27 -6.97 -3.09 -23.67
C ALA C 27 -6.58 -4.53 -24.01
N PHE C 28 -5.85 -4.68 -25.12
CA PHE C 28 -5.41 -6.00 -25.54
C PHE C 28 -4.49 -6.64 -24.51
N SER C 29 -3.61 -5.85 -23.89
CA SER C 29 -2.65 -6.41 -22.95
C SER C 29 -3.33 -7.05 -21.75
N SER C 30 -4.49 -6.52 -21.34
CA SER C 30 -5.17 -7.00 -20.15
C SER C 30 -6.12 -8.18 -20.42
N PHE C 31 -6.28 -8.57 -21.68
CA PHE C 31 -7.20 -9.64 -22.06
C PHE C 31 -6.44 -10.85 -22.58
N GLY C 32 -6.76 -12.02 -22.02
CA GLY C 32 -6.25 -13.26 -22.58
C GLY C 32 -6.94 -13.57 -23.89
N MET C 33 -6.19 -14.17 -24.82
CA MET C 33 -6.66 -14.41 -26.17
C MET C 33 -6.64 -15.91 -26.46
N HIS C 34 -7.68 -16.39 -27.14
CA HIS C 34 -7.80 -17.78 -27.52
C HIS C 34 -7.93 -17.90 -29.04
N TRP C 35 -7.54 -19.05 -29.56
CA TRP C 35 -7.76 -19.40 -30.97
C TRP C 35 -8.72 -20.58 -31.03
N VAL C 36 -9.79 -20.41 -31.80
CA VAL C 36 -10.84 -21.42 -31.94
C VAL C 36 -10.95 -21.75 -33.42
N ARG C 37 -10.69 -23.02 -33.76
CA ARG C 37 -10.77 -23.48 -35.13
C ARG C 37 -12.13 -24.14 -35.38
N GLN C 38 -12.51 -24.21 -36.65
CA GLN C 38 -13.79 -24.78 -37.04
C GLN C 38 -13.65 -25.32 -38.46
N ALA C 39 -13.57 -26.64 -38.58
CA ALA C 39 -13.53 -27.25 -39.90
C ALA C 39 -14.88 -27.04 -40.59
N PRO C 40 -14.89 -26.91 -41.92
CA PRO C 40 -16.16 -26.66 -42.62
C PRO C 40 -17.15 -27.79 -42.37
N GLU C 41 -18.41 -27.41 -42.21
CA GLU C 41 -19.48 -28.35 -41.88
C GLU C 41 -19.14 -29.14 -40.62
N LYS C 42 -18.51 -28.49 -39.64
CA LYS C 42 -18.14 -29.13 -38.39
C LYS C 42 -18.13 -28.09 -37.29
N GLY C 43 -18.12 -28.57 -36.05
CA GLY C 43 -18.19 -27.69 -34.90
C GLY C 43 -16.87 -27.00 -34.61
N LEU C 44 -16.92 -26.12 -33.60
CA LEU C 44 -15.75 -25.36 -33.19
C LEU C 44 -14.77 -26.27 -32.45
N GLU C 45 -13.59 -25.71 -32.17
CA GLU C 45 -12.57 -26.43 -31.43
C GLU C 45 -11.48 -25.47 -30.93
N TRP C 46 -11.22 -25.51 -29.62
CA TRP C 46 -10.18 -24.65 -29.05
C TRP C 46 -8.81 -25.08 -29.57
N VAL C 47 -7.96 -24.09 -29.88
CA VAL C 47 -6.64 -24.36 -30.44
C VAL C 47 -5.58 -24.10 -29.39
N ALA C 48 -5.48 -22.85 -28.94
CA ALA C 48 -4.43 -22.47 -28.00
C ALA C 48 -4.90 -21.27 -27.18
N TYR C 49 -4.19 -21.03 -26.08
CA TYR C 49 -4.51 -19.94 -25.17
C TYR C 49 -3.22 -19.32 -24.66
N ILE C 50 -3.14 -17.99 -24.72
CA ILE C 50 -2.01 -17.23 -24.17
C ILE C 50 -2.59 -16.20 -23.21
N SER C 51 -2.15 -16.25 -21.96
CA SER C 51 -2.69 -15.34 -20.95
C SER C 51 -2.05 -13.96 -21.08
N SER C 52 -2.65 -13.00 -20.39
CA SER C 52 -2.09 -11.65 -20.36
C SER C 52 -0.66 -11.69 -19.85
N GLY C 53 0.24 -10.99 -20.53
CA GLY C 53 1.63 -10.97 -20.18
C GLY C 53 2.43 -12.16 -20.65
N SER C 54 1.80 -13.11 -21.37
CA SER C 54 2.45 -14.30 -21.90
C SER C 54 2.95 -15.24 -20.83
N GLY C 55 2.54 -15.04 -19.57
CA GLY C 55 3.03 -15.90 -18.50
C GLY C 55 2.59 -17.34 -18.64
N THR C 56 1.31 -17.54 -18.97
CA THR C 56 0.73 -18.87 -19.08
C THR C 56 0.31 -19.12 -20.53
N ILE C 57 0.72 -20.28 -21.06
CA ILE C 57 0.38 -20.69 -22.42
C ILE C 57 -0.12 -22.13 -22.35
N TYR C 58 -1.24 -22.40 -23.01
CA TYR C 58 -1.83 -23.73 -23.06
C TYR C 58 -2.10 -24.11 -24.51
N TYR C 59 -2.00 -25.42 -24.78
CA TYR C 59 -2.25 -25.95 -26.12
C TYR C 59 -3.13 -27.19 -26.01
N ALA C 60 -3.88 -27.44 -27.09
CA ALA C 60 -4.64 -28.67 -27.18
C ALA C 60 -3.72 -29.84 -27.52
N ASP C 61 -4.13 -31.04 -27.11
CA ASP C 61 -3.28 -32.21 -27.31
C ASP C 61 -3.02 -32.46 -28.79
N THR C 62 -3.94 -32.06 -29.66
CA THR C 62 -3.84 -32.31 -31.08
C THR C 62 -3.18 -31.18 -31.86
N VAL C 63 -2.76 -30.11 -31.19
CA VAL C 63 -2.15 -28.98 -31.87
C VAL C 63 -0.84 -28.59 -31.20
N LYS C 64 -0.59 -29.13 -30.02
CA LYS C 64 0.61 -28.77 -29.27
C LYS C 64 1.86 -29.15 -30.06
N GLY C 65 2.90 -28.32 -29.94
CA GLY C 65 4.14 -28.54 -30.65
C GLY C 65 4.20 -27.85 -32.00
N ARG C 66 3.41 -28.32 -32.96
CA ARG C 66 3.47 -27.74 -34.30
C ARG C 66 2.80 -26.37 -34.38
N PHE C 67 1.88 -26.08 -33.46
CA PHE C 67 1.23 -24.77 -33.37
C PHE C 67 1.77 -24.03 -32.15
N THR C 68 2.19 -22.79 -32.36
CA THR C 68 2.67 -21.93 -31.28
C THR C 68 1.95 -20.59 -31.34
N ILE C 69 1.76 -19.97 -30.18
CA ILE C 69 0.99 -18.75 -30.04
C ILE C 69 1.86 -17.69 -29.38
N SER C 70 1.81 -16.47 -29.91
CA SER C 70 2.54 -15.35 -29.35
C SER C 70 1.69 -14.10 -29.49
N ARG C 71 1.96 -13.12 -28.62
CA ARG C 71 1.24 -11.86 -28.62
C ARG C 71 2.22 -10.70 -28.58
N ASP C 72 1.83 -9.58 -29.18
CA ASP C 72 2.64 -8.37 -29.24
C ASP C 72 1.85 -7.25 -28.58
N ASP C 73 2.03 -7.11 -27.26
CA ASP C 73 1.31 -6.10 -26.51
C ASP C 73 1.56 -4.68 -27.02
N PRO C 74 2.79 -4.27 -27.32
CA PRO C 74 2.99 -2.91 -27.87
C PRO C 74 2.18 -2.65 -29.14
N LYS C 75 2.07 -3.63 -30.02
CA LYS C 75 1.38 -3.45 -31.29
C LYS C 75 -0.09 -3.88 -31.25
N ASN C 76 -0.53 -4.51 -30.15
CA ASN C 76 -1.92 -4.96 -30.01
C ASN C 76 -2.32 -5.89 -31.15
N THR C 77 -1.62 -7.02 -31.21
CA THR C 77 -1.91 -8.04 -32.23
C THR C 77 -1.57 -9.41 -31.66
N LEU C 78 -2.17 -10.44 -32.28
CA LEU C 78 -1.98 -11.82 -31.87
C LEU C 78 -1.54 -12.65 -33.08
N PHE C 79 -0.76 -13.69 -32.82
CA PHE C 79 -0.22 -14.53 -33.87
C PHE C 79 -0.41 -16.00 -33.52
N LEU C 80 -0.41 -16.83 -34.56
CA LEU C 80 -0.51 -18.29 -34.41
C LEU C 80 0.27 -18.92 -35.56
N GLN C 81 1.53 -19.23 -35.31
CA GLN C 81 2.37 -19.86 -36.32
C GLN C 81 2.01 -21.33 -36.46
N MET C 82 1.98 -21.82 -37.70
CA MET C 82 1.63 -23.20 -38.00
C MET C 82 2.73 -23.84 -38.84
N THR C 83 3.07 -25.09 -38.51
CA THR C 83 4.07 -25.84 -39.24
C THR C 83 3.60 -27.29 -39.40
N SER C 84 4.08 -27.93 -40.45
CA SER C 84 3.71 -29.31 -40.75
C SER C 84 2.19 -29.48 -40.80
N LEU C 85 1.52 -28.52 -41.43
CA LEU C 85 0.07 -28.54 -41.52
C LEU C 85 -0.41 -29.81 -42.20
N ARG C 86 -1.37 -30.49 -41.56
CA ARG C 86 -1.96 -31.69 -42.09
C ARG C 86 -3.30 -31.38 -42.76
N SER C 87 -3.73 -32.30 -43.63
CA SER C 87 -5.00 -32.11 -44.32
C SER C 87 -6.15 -31.91 -43.34
N GLU C 88 -6.06 -32.55 -42.16
CA GLU C 88 -7.11 -32.39 -41.16
C GLU C 88 -7.13 -30.97 -40.61
N ASP C 89 -6.06 -30.20 -40.80
CA ASP C 89 -6.00 -28.84 -40.29
C ASP C 89 -6.84 -27.85 -41.09
N THR C 90 -7.53 -28.31 -42.14
CA THR C 90 -8.38 -27.41 -42.92
C THR C 90 -9.53 -26.89 -42.06
N ALA C 91 -9.48 -25.63 -41.67
CA ALA C 91 -10.49 -25.06 -40.80
C ALA C 91 -10.36 -23.54 -40.81
N MET C 92 -11.39 -22.88 -40.30
CA MET C 92 -11.40 -21.43 -40.13
C MET C 92 -11.20 -21.11 -38.66
N TYR C 93 -10.29 -20.17 -38.37
CA TYR C 93 -9.86 -19.88 -37.01
C TYR C 93 -10.44 -18.55 -36.55
N TYR C 94 -11.02 -18.55 -35.36
CA TYR C 94 -11.61 -17.36 -34.75
C TYR C 94 -10.82 -16.97 -33.50
N CYS C 95 -10.53 -15.69 -33.37
CA CYS C 95 -9.87 -15.18 -32.17
C CYS C 95 -10.91 -14.70 -31.16
N VAL C 96 -10.68 -15.03 -29.90
CA VAL C 96 -11.61 -14.72 -28.82
C VAL C 96 -10.85 -14.04 -27.69
N ARG C 97 -11.35 -12.90 -27.24
CA ARG C 97 -10.78 -12.23 -26.09
C ARG C 97 -11.29 -12.88 -24.81
N SER C 98 -10.54 -12.67 -23.72
CA SER C 98 -10.97 -13.17 -22.43
C SER C 98 -10.14 -12.49 -21.34
N ILE C 99 -10.82 -11.96 -20.32
CA ILE C 99 -10.17 -11.40 -19.14
C ILE C 99 -10.75 -12.12 -17.92
N TYR C 100 -9.87 -12.61 -17.06
CA TYR C 100 -10.25 -13.49 -15.97
C TYR C 100 -10.18 -12.76 -14.64
N TYR C 101 -11.35 -12.46 -14.09
CA TYR C 101 -11.47 -11.96 -12.72
C TYR C 101 -12.92 -12.18 -12.29
N TYR C 102 -13.13 -12.15 -10.97
CA TYR C 102 -14.46 -12.41 -10.44
C TYR C 102 -15.45 -11.41 -11.02
N GLY C 103 -16.59 -11.92 -11.49
CA GLY C 103 -17.59 -11.10 -12.14
C GLY C 103 -17.36 -10.87 -13.62
N SER C 104 -16.25 -11.34 -14.16
CA SER C 104 -15.95 -11.14 -15.57
C SER C 104 -16.81 -12.06 -16.44
N SER C 105 -16.74 -11.83 -17.75
CA SER C 105 -17.49 -12.59 -18.75
C SER C 105 -16.50 -13.10 -19.80
N PRO C 106 -15.79 -14.18 -19.52
CA PRO C 106 -14.85 -14.73 -20.50
C PRO C 106 -15.56 -15.11 -21.79
N PHE C 107 -14.84 -14.98 -22.91
CA PHE C 107 -15.35 -15.32 -24.23
C PHE C 107 -16.54 -14.46 -24.63
N ASP C 108 -16.59 -13.21 -24.16
CA ASP C 108 -17.71 -12.33 -24.45
C ASP C 108 -17.61 -11.66 -25.81
N PHE C 109 -16.44 -11.68 -26.45
CA PHE C 109 -16.27 -11.05 -27.76
C PHE C 109 -15.47 -11.99 -28.66
N TRP C 110 -15.87 -12.08 -29.92
CA TRP C 110 -15.23 -12.95 -30.89
C TRP C 110 -14.84 -12.14 -32.12
N GLY C 111 -13.77 -12.57 -32.77
CA GLY C 111 -13.25 -11.86 -33.93
C GLY C 111 -13.99 -12.24 -35.21
N GLN C 112 -13.51 -11.64 -36.31
CA GLN C 112 -14.12 -11.87 -37.61
C GLN C 112 -13.90 -13.30 -38.09
N GLY C 113 -12.73 -13.88 -37.85
CA GLY C 113 -12.42 -15.22 -38.31
C GLY C 113 -11.78 -15.23 -39.68
N THR C 114 -10.88 -16.18 -39.92
CA THR C 114 -10.19 -16.30 -41.20
C THR C 114 -10.18 -17.75 -41.63
N THR C 115 -10.40 -17.97 -42.93
CA THR C 115 -10.42 -19.33 -43.47
C THR C 115 -9.02 -19.82 -43.77
N LEU C 116 -8.82 -21.12 -43.65
CA LEU C 116 -7.53 -21.74 -43.93
C LEU C 116 -7.77 -23.17 -44.40
N THR C 117 -7.20 -23.52 -45.54
CA THR C 117 -7.35 -24.84 -46.14
C THR C 117 -5.98 -25.45 -46.38
N VAL C 118 -5.90 -26.78 -46.19
CA VAL C 118 -4.67 -27.52 -46.36
C VAL C 118 -4.92 -28.67 -47.34
N SER C 119 -4.04 -28.81 -48.31
CA SER C 119 -4.16 -29.87 -49.31
C SER C 119 -5.50 -29.79 -50.04
N SER C 135 -7.87 -38.54 -23.58
CA SER C 135 -6.84 -38.39 -22.56
C SER C 135 -7.32 -37.54 -21.39
N ALA C 136 -8.35 -38.02 -20.70
CA ALA C 136 -8.97 -37.38 -19.55
C ALA C 136 -9.70 -36.09 -19.91
N ASP C 137 -9.76 -35.71 -21.18
CA ASP C 137 -10.46 -34.50 -21.57
C ASP C 137 -11.95 -34.66 -21.35
N ILE C 138 -12.59 -33.60 -20.86
CA ILE C 138 -14.04 -33.63 -20.64
C ILE C 138 -14.73 -33.52 -21.99
N VAL C 139 -15.65 -34.43 -22.25
CA VAL C 139 -16.36 -34.49 -23.54
C VAL C 139 -17.75 -33.90 -23.35
N MET C 140 -18.08 -32.90 -24.17
CA MET C 140 -19.39 -32.26 -24.15
C MET C 140 -20.20 -32.77 -25.33
N THR C 141 -21.40 -33.29 -25.06
CA THR C 141 -22.27 -33.86 -26.07
C THR C 141 -23.62 -33.17 -26.02
N GLN C 142 -24.17 -32.86 -27.20
CA GLN C 142 -25.47 -32.24 -27.33
C GLN C 142 -26.46 -33.27 -27.89
N ALA C 143 -27.62 -33.38 -27.25
CA ALA C 143 -28.55 -34.45 -27.57
C ALA C 143 -29.03 -34.35 -29.01
N THR C 144 -29.38 -33.15 -29.46
CA THR C 144 -29.96 -32.93 -30.78
C THR C 144 -29.03 -32.06 -31.61
N SER C 145 -28.64 -32.55 -32.79
CA SER C 145 -27.83 -31.76 -33.70
C SER C 145 -28.67 -30.70 -34.40
N SER C 146 -29.91 -31.04 -34.74
CA SER C 146 -30.84 -30.11 -35.37
C SER C 146 -32.21 -30.23 -34.72
N VAL C 147 -32.88 -29.10 -34.56
CA VAL C 147 -34.20 -29.07 -33.92
C VAL C 147 -35.11 -28.14 -34.72
N PRO C 148 -36.03 -28.67 -35.54
CA PRO C 148 -36.93 -27.78 -36.30
C PRO C 148 -37.94 -27.13 -35.36
N VAL C 149 -38.01 -25.81 -35.41
CA VAL C 149 -38.89 -25.02 -34.55
C VAL C 149 -39.52 -23.91 -35.38
N THR C 150 -40.43 -23.17 -34.76
CA THR C 150 -41.10 -22.05 -35.38
C THR C 150 -41.01 -20.82 -34.48
N PRO C 151 -41.06 -19.62 -35.06
CA PRO C 151 -40.95 -18.41 -34.24
C PRO C 151 -42.08 -18.31 -33.23
N GLY C 152 -41.76 -17.74 -32.07
CA GLY C 152 -42.74 -17.58 -31.01
C GLY C 152 -42.90 -18.76 -30.09
N GLU C 153 -42.19 -19.86 -30.33
CA GLU C 153 -42.27 -21.05 -29.51
C GLU C 153 -40.98 -21.21 -28.72
N SER C 154 -41.11 -21.44 -27.41
CA SER C 154 -39.93 -21.62 -26.56
C SER C 154 -39.12 -22.82 -27.05
N VAL C 155 -37.80 -22.64 -27.10
CA VAL C 155 -36.87 -23.67 -27.56
C VAL C 155 -35.91 -23.98 -26.43
N SER C 156 -35.78 -25.25 -26.08
CA SER C 156 -34.86 -25.72 -25.04
C SER C 156 -33.81 -26.61 -25.69
N ILE C 157 -32.54 -26.31 -25.43
CA ILE C 157 -31.41 -27.07 -25.96
C ILE C 157 -30.66 -27.66 -24.78
N SER C 158 -30.50 -28.98 -24.77
CA SER C 158 -29.88 -29.68 -23.66
C SER C 158 -28.49 -30.18 -24.07
N CYS C 159 -27.62 -30.32 -23.07
CA CYS C 159 -26.27 -30.81 -23.27
C CYS C 159 -25.85 -31.64 -22.06
N ARG C 160 -24.85 -32.49 -22.27
CA ARG C 160 -24.35 -33.38 -21.24
C ARG C 160 -22.83 -33.27 -21.17
N SER C 161 -22.28 -33.48 -19.98
CA SER C 161 -20.85 -33.45 -19.74
C SER C 161 -20.40 -34.76 -19.10
N SER C 162 -19.26 -35.27 -19.57
CA SER C 162 -18.73 -36.52 -19.03
C SER C 162 -18.27 -36.35 -17.59
N LYS C 163 -17.77 -35.18 -17.23
CA LYS C 163 -17.28 -34.91 -15.89
C LYS C 163 -18.04 -33.73 -15.31
N SER C 164 -18.43 -33.85 -14.04
CA SER C 164 -19.18 -32.80 -13.38
C SER C 164 -18.43 -31.47 -13.47
N LEU C 165 -19.13 -30.43 -13.92
CA LEU C 165 -18.53 -29.11 -14.10
C LEU C 165 -18.63 -28.24 -12.85
N LEU C 166 -19.32 -28.69 -11.82
CA LEU C 166 -19.41 -27.92 -10.58
C LEU C 166 -18.10 -28.02 -9.82
N HIS C 167 -17.37 -26.92 -9.74
CA HIS C 167 -16.09 -26.88 -9.08
C HIS C 167 -16.27 -26.71 -7.57
N SER C 168 -15.22 -27.04 -6.82
CA SER C 168 -15.28 -26.94 -5.37
C SER C 168 -15.50 -25.51 -4.91
N ASN C 169 -15.12 -24.52 -5.74
CA ASN C 169 -15.28 -23.13 -5.36
C ASN C 169 -16.73 -22.67 -5.40
N GLY C 170 -17.64 -23.48 -5.93
CA GLY C 170 -19.04 -23.13 -6.00
C GLY C 170 -19.52 -22.63 -7.34
N ASN C 171 -18.63 -22.50 -8.32
CA ASN C 171 -19.00 -22.02 -9.65
C ASN C 171 -19.08 -23.18 -10.64
N THR C 172 -20.05 -23.08 -11.55
CA THR C 172 -20.22 -24.05 -12.62
C THR C 172 -19.74 -23.43 -13.92
N TYR C 173 -18.74 -24.04 -14.53
CA TYR C 173 -18.08 -23.47 -15.72
C TYR C 173 -18.68 -24.01 -17.01
N LEU C 174 -19.90 -23.59 -17.31
CA LEU C 174 -20.59 -23.94 -18.55
C LEU C 174 -20.74 -22.69 -19.41
N TYR C 175 -20.49 -22.83 -20.71
CA TYR C 175 -20.61 -21.74 -21.66
C TYR C 175 -21.56 -22.12 -22.78
N TRP C 176 -22.33 -21.14 -23.26
CA TRP C 176 -23.22 -21.32 -24.39
C TRP C 176 -22.89 -20.25 -25.45
N PHE C 177 -22.79 -20.69 -26.70
CA PHE C 177 -22.46 -19.81 -27.81
C PHE C 177 -23.45 -20.01 -28.94
N LEU C 178 -23.74 -18.94 -29.67
CA LEU C 178 -24.58 -18.97 -30.85
C LEU C 178 -23.80 -18.47 -32.05
N GLN C 179 -23.81 -19.27 -33.12
CA GLN C 179 -23.12 -18.93 -34.36
C GLN C 179 -24.16 -18.85 -35.47
N ARG C 180 -24.66 -17.65 -35.73
CA ARG C 180 -25.66 -17.45 -36.77
C ARG C 180 -25.03 -17.64 -38.14
N PRO C 181 -25.84 -17.92 -39.16
CA PRO C 181 -25.29 -18.10 -40.51
C PRO C 181 -24.49 -16.87 -40.93
N GLY C 182 -23.27 -17.12 -41.41
CA GLY C 182 -22.42 -16.04 -41.86
C GLY C 182 -22.05 -15.05 -40.76
N GLN C 183 -21.88 -15.51 -39.53
CA GLN C 183 -21.50 -14.66 -38.41
C GLN C 183 -20.63 -15.43 -37.45
N SER C 184 -19.80 -14.69 -36.70
CA SER C 184 -18.95 -15.29 -35.70
C SER C 184 -19.77 -15.69 -34.48
N PRO C 185 -19.28 -16.62 -33.67
CA PRO C 185 -20.03 -17.03 -32.48
C PRO C 185 -20.23 -15.87 -31.52
N GLN C 186 -21.38 -15.89 -30.84
CA GLN C 186 -21.73 -14.88 -29.85
C GLN C 186 -22.03 -15.57 -28.53
N LEU C 187 -21.60 -14.95 -27.43
CA LEU C 187 -21.77 -15.55 -26.12
C LEU C 187 -23.16 -15.25 -25.56
N LEU C 188 -23.80 -16.27 -25.00
CA LEU C 188 -25.08 -16.14 -24.31
C LEU C 188 -24.94 -16.36 -22.81
N ILE C 189 -24.37 -17.50 -22.42
CA ILE C 189 -24.17 -17.87 -21.02
C ILE C 189 -22.72 -18.28 -20.85
N TYR C 190 -22.10 -17.82 -19.76
CA TYR C 190 -20.69 -18.11 -19.50
C TYR C 190 -20.42 -18.78 -18.16
N ARG C 191 -21.37 -18.80 -17.23
CA ARG C 191 -21.18 -19.48 -15.95
C ARG C 191 -22.44 -20.25 -15.58
N MET C 192 -23.25 -20.61 -16.58
CA MET C 192 -24.41 -21.48 -16.42
C MET C 192 -25.57 -20.76 -15.72
N SER C 193 -25.33 -19.54 -15.22
CA SER C 193 -26.39 -18.80 -14.55
C SER C 193 -26.41 -17.32 -14.98
N ASN C 194 -25.36 -16.88 -15.65
CA ASN C 194 -25.16 -15.46 -15.95
C ASN C 194 -25.40 -15.22 -17.43
N LEU C 195 -26.10 -14.13 -17.75
CA LEU C 195 -26.42 -13.79 -19.13
C LEU C 195 -25.38 -12.80 -19.67
N ALA C 196 -24.79 -13.13 -20.82
CA ALA C 196 -23.76 -12.29 -21.40
C ALA C 196 -24.35 -10.95 -21.84
N SER C 197 -23.52 -9.91 -21.78
CA SER C 197 -23.96 -8.58 -22.18
C SER C 197 -24.23 -8.53 -23.67
N GLY C 198 -25.12 -7.61 -24.07
CA GLY C 198 -25.46 -7.47 -25.48
C GLY C 198 -26.34 -8.55 -26.01
N VAL C 199 -27.10 -9.24 -25.15
CA VAL C 199 -27.98 -10.31 -25.57
C VAL C 199 -29.36 -10.06 -24.96
N PRO C 200 -30.45 -10.44 -25.63
CA PRO C 200 -31.77 -10.25 -25.03
C PRO C 200 -31.94 -11.10 -23.77
N ASP C 201 -32.81 -10.63 -22.88
CA ASP C 201 -33.09 -11.35 -21.64
C ASP C 201 -33.85 -12.64 -21.87
N ARG C 202 -34.29 -12.92 -23.10
CA ARG C 202 -35.07 -14.13 -23.36
C ARG C 202 -34.26 -15.37 -22.99
N PHE C 203 -32.98 -15.39 -23.35
CA PHE C 203 -32.15 -16.55 -23.06
C PHE C 203 -32.01 -16.76 -21.56
N SER C 204 -32.05 -18.02 -21.14
CA SER C 204 -31.91 -18.39 -19.75
C SER C 204 -31.06 -19.66 -19.64
N GLY C 205 -30.42 -19.83 -18.51
CA GLY C 205 -29.54 -20.97 -18.29
C GLY C 205 -29.75 -21.59 -16.93
N SER C 206 -29.84 -22.92 -16.92
CA SER C 206 -29.99 -23.68 -15.69
C SER C 206 -29.57 -25.11 -15.96
N GLY C 207 -29.32 -25.85 -14.88
CA GLY C 207 -28.93 -27.24 -15.02
C GLY C 207 -28.48 -27.82 -13.70
N SER C 208 -28.21 -29.12 -13.74
CA SER C 208 -27.72 -29.85 -12.59
C SER C 208 -26.20 -29.82 -12.56
N GLY C 209 -25.58 -30.63 -11.69
CA GLY C 209 -24.13 -30.62 -11.60
C GLY C 209 -23.45 -31.20 -12.82
N THR C 210 -24.19 -31.95 -13.64
CA THR C 210 -23.62 -32.56 -14.84
C THR C 210 -24.48 -32.27 -16.07
N ALA C 211 -25.79 -32.06 -15.87
CA ALA C 211 -26.73 -31.84 -16.96
C ALA C 211 -27.12 -30.38 -17.00
N PHE C 212 -27.17 -29.82 -18.22
CA PHE C 212 -27.50 -28.41 -18.41
C PHE C 212 -28.35 -28.28 -19.66
N THR C 213 -29.08 -27.17 -19.73
CA THR C 213 -29.93 -26.87 -20.89
C THR C 213 -30.02 -25.36 -21.07
N LEU C 214 -30.26 -24.96 -22.32
CA LEU C 214 -30.42 -23.55 -22.68
C LEU C 214 -31.87 -23.35 -23.10
N THR C 215 -32.65 -22.72 -22.23
CA THR C 215 -34.07 -22.50 -22.49
C THR C 215 -34.29 -21.09 -23.02
N ILE C 216 -35.01 -20.97 -24.12
CA ILE C 216 -35.34 -19.68 -24.72
C ILE C 216 -36.83 -19.42 -24.47
N SER C 217 -37.13 -18.28 -23.84
CA SER C 217 -38.52 -17.95 -23.52
C SER C 217 -39.36 -17.84 -24.78
N ARG C 218 -38.82 -17.18 -25.81
CA ARG C 218 -39.54 -17.00 -27.06
C ARG C 218 -38.52 -16.88 -28.19
N LEU C 219 -38.86 -17.45 -29.34
CA LEU C 219 -37.94 -17.55 -30.47
C LEU C 219 -38.18 -16.39 -31.43
N GLU C 220 -37.09 -15.70 -31.79
CA GLU C 220 -37.13 -14.63 -32.76
C GLU C 220 -36.45 -15.05 -34.06
N ALA C 221 -36.56 -14.19 -35.08
CA ALA C 221 -36.00 -14.50 -36.38
C ALA C 221 -34.48 -14.63 -36.31
N GLU C 222 -33.83 -13.76 -35.54
CA GLU C 222 -32.38 -13.72 -35.48
C GLU C 222 -31.78 -14.82 -34.61
N ASP C 223 -32.60 -15.60 -33.91
CA ASP C 223 -32.11 -16.69 -33.08
C ASP C 223 -31.73 -17.93 -33.88
N VAL C 224 -32.03 -17.96 -35.19
CA VAL C 224 -31.67 -19.10 -36.01
C VAL C 224 -30.16 -19.21 -36.10
N GLY C 225 -29.65 -20.42 -35.96
CA GLY C 225 -28.22 -20.66 -36.02
C GLY C 225 -27.88 -21.97 -35.32
N VAL C 226 -26.59 -22.14 -35.05
CA VAL C 226 -26.06 -23.32 -34.38
C VAL C 226 -25.61 -22.91 -32.99
N TYR C 227 -26.13 -23.59 -31.98
CA TYR C 227 -25.75 -23.32 -30.60
C TYR C 227 -24.67 -24.29 -30.16
N TYR C 228 -23.60 -23.75 -29.58
CA TYR C 228 -22.46 -24.54 -29.12
C TYR C 228 -22.28 -24.38 -27.62
N CYS C 229 -21.70 -25.40 -27.00
CA CYS C 229 -21.46 -25.43 -25.57
C CYS C 229 -20.00 -25.76 -25.30
N MET C 230 -19.53 -25.33 -24.12
CA MET C 230 -18.16 -25.59 -23.70
C MET C 230 -18.10 -25.80 -22.19
N GLN C 231 -17.07 -26.51 -21.76
CA GLN C 231 -16.73 -26.60 -20.35
C GLN C 231 -15.39 -25.92 -20.11
N HIS C 232 -15.32 -25.12 -19.04
CA HIS C 232 -14.11 -24.39 -18.72
C HIS C 232 -13.60 -24.79 -17.34
N LEU C 233 -14.01 -25.97 -16.88
CA LEU C 233 -13.45 -26.49 -15.63
C LEU C 233 -11.95 -26.76 -15.79
N GLU C 234 -11.56 -27.33 -16.92
CA GLU C 234 -10.16 -27.51 -17.26
C GLU C 234 -9.93 -27.01 -18.68
N TYR C 235 -8.72 -26.53 -18.95
CA TYR C 235 -8.42 -25.84 -20.21
C TYR C 235 -8.53 -26.73 -21.45
N PRO C 236 -8.28 -28.05 -21.38
CA PRO C 236 -8.52 -28.79 -22.64
C PRO C 236 -9.98 -28.74 -23.07
N LEU C 237 -10.38 -27.57 -23.57
CA LEU C 237 -11.77 -27.34 -23.93
C LEU C 237 -12.22 -28.25 -25.07
N THR C 238 -13.47 -28.69 -25.01
CA THR C 238 -14.08 -29.52 -26.03
C THR C 238 -15.44 -28.93 -26.41
N PHE C 239 -15.70 -28.84 -27.71
CA PHE C 239 -16.96 -28.32 -28.23
C PHE C 239 -17.91 -29.46 -28.52
N GLY C 240 -19.21 -29.20 -28.35
CA GLY C 240 -20.22 -30.18 -28.67
C GLY C 240 -20.51 -30.24 -30.16
N ALA C 241 -21.42 -31.15 -30.51
CA ALA C 241 -21.81 -31.30 -31.91
C ALA C 241 -22.43 -30.02 -32.45
N GLY C 242 -23.30 -29.40 -31.66
CA GLY C 242 -23.96 -28.16 -32.07
C GLY C 242 -25.41 -28.38 -32.46
N THR C 243 -26.30 -27.58 -31.88
CA THR C 243 -27.73 -27.68 -32.14
C THR C 243 -28.10 -26.62 -33.17
N LYS C 244 -28.45 -27.06 -34.38
CA LYS C 244 -28.75 -26.17 -35.50
C LYS C 244 -30.26 -25.97 -35.58
N LEU C 245 -30.73 -24.80 -35.16
CA LEU C 245 -32.15 -24.49 -35.24
C LEU C 245 -32.51 -24.05 -36.66
N GLU C 246 -33.67 -24.50 -37.15
CA GLU C 246 -34.17 -24.13 -38.46
C GLU C 246 -35.67 -23.87 -38.38
N LEU C 247 -36.14 -23.04 -39.30
CA LEU C 247 -37.56 -22.67 -39.36
C LEU C 247 -38.22 -23.32 -40.57
N ALA D 10 -35.86 35.94 3.29
CA ALA D 10 -35.84 35.61 4.73
C ALA D 10 -35.80 34.10 4.95
N GLN D 11 -34.77 33.63 5.67
CA GLN D 11 -34.64 32.20 5.92
C GLN D 11 -35.72 31.69 6.85
N ALA D 12 -36.36 32.58 7.61
CA ALA D 12 -37.37 32.14 8.58
C ALA D 12 -38.56 31.47 7.87
N ARG D 13 -38.92 31.95 6.69
CA ARG D 13 -40.04 31.36 5.97
C ARG D 13 -39.75 29.92 5.56
N LYS D 14 -38.52 29.63 5.14
CA LYS D 14 -38.13 28.26 4.86
C LYS D 14 -38.05 27.45 6.15
N LEU D 15 -37.54 28.07 7.22
CA LEU D 15 -37.34 27.34 8.47
C LEU D 15 -38.67 26.88 9.05
N VAL D 16 -39.69 27.73 9.02
CA VAL D 16 -41.00 27.34 9.55
C VAL D 16 -41.61 26.22 8.71
N GLU D 17 -41.49 26.31 7.38
CA GLU D 17 -42.02 25.26 6.53
C GLU D 17 -41.34 23.92 6.82
N GLN D 18 -40.03 23.94 7.05
CA GLN D 18 -39.33 22.69 7.38
C GLN D 18 -39.71 22.22 8.78
N LEU D 19 -39.92 23.14 9.72
CA LEU D 19 -40.29 22.78 11.08
C LEU D 19 -41.71 22.23 11.16
N LYS D 20 -42.53 22.46 10.13
CA LYS D 20 -43.87 21.88 10.11
C LYS D 20 -43.84 20.36 10.30
N MET D 21 -42.65 19.73 10.23
CA MET D 21 -42.54 18.32 10.56
C MET D 21 -43.04 18.00 11.96
N GLU D 22 -43.05 18.98 12.85
CA GLU D 22 -43.54 18.75 14.21
C GLU D 22 -44.97 18.21 14.18
N ALA D 23 -45.76 18.60 13.18
CA ALA D 23 -47.13 18.12 13.05
C ALA D 23 -47.34 17.24 11.82
N ASN D 24 -46.40 17.21 10.87
CA ASN D 24 -46.59 16.40 9.67
C ASN D 24 -46.41 14.90 9.92
N ILE D 25 -45.92 14.49 11.08
CA ILE D 25 -45.53 13.10 11.32
C ILE D 25 -46.15 12.60 12.61
N ASP D 26 -46.56 11.34 12.61
CA ASP D 26 -47.00 10.64 13.81
C ASP D 26 -45.80 9.96 14.47
N ARG D 27 -45.96 9.65 15.75
CA ARG D 27 -44.84 9.19 16.58
C ARG D 27 -45.18 7.88 17.29
N ILE D 28 -44.11 7.17 17.67
CA ILE D 28 -44.22 5.92 18.41
C ILE D 28 -43.27 6.00 19.60
N LYS D 29 -43.69 5.43 20.73
CA LYS D 29 -42.86 5.47 21.94
C LYS D 29 -41.57 4.70 21.73
N VAL D 30 -40.50 5.16 22.38
CA VAL D 30 -39.19 4.55 22.21
C VAL D 30 -39.19 3.11 22.71
N SER D 31 -40.02 2.81 23.71
CA SER D 31 -40.07 1.45 24.24
C SER D 31 -40.49 0.46 23.17
N LYS D 32 -41.52 0.81 22.39
CA LYS D 32 -41.97 -0.07 21.32
C LYS D 32 -40.89 -0.23 20.25
N ALA D 33 -40.17 0.86 19.96
CA ALA D 33 -39.08 0.77 18.98
C ALA D 33 -38.00 -0.18 19.46
N ALA D 34 -37.62 -0.10 20.75
CA ALA D 34 -36.63 -1.01 21.28
C ALA D 34 -37.12 -2.45 21.26
N ALA D 35 -38.40 -2.66 21.58
CA ALA D 35 -38.96 -4.00 21.53
C ALA D 35 -38.90 -4.56 20.11
N ASP D 36 -39.26 -3.75 19.12
CA ASP D 36 -39.18 -4.20 17.74
C ASP D 36 -37.74 -4.50 17.33
N LEU D 37 -36.80 -3.65 17.75
CA LEU D 37 -35.41 -3.87 17.41
C LEU D 37 -34.90 -5.19 17.98
N MET D 38 -35.19 -5.46 19.25
CA MET D 38 -34.73 -6.70 19.87
C MET D 38 -35.42 -7.91 19.25
N ALA D 39 -36.72 -7.77 18.92
CA ALA D 39 -37.42 -8.86 18.25
C ALA D 39 -36.79 -9.18 16.91
N TYR D 40 -36.47 -8.15 16.13
CA TYR D 40 -35.82 -8.39 14.84
C TYR D 40 -34.45 -9.02 15.03
N CYS D 41 -33.68 -8.54 16.02
CA CYS D 41 -32.34 -9.08 16.25
C CYS D 41 -32.41 -10.56 16.62
N GLU D 42 -33.33 -10.94 17.50
CA GLU D 42 -33.44 -12.34 17.90
C GLU D 42 -33.97 -13.19 16.75
N ALA D 43 -34.89 -12.64 15.95
CA ALA D 43 -35.45 -13.40 14.84
C ALA D 43 -34.39 -13.73 13.79
N HIS D 44 -33.47 -12.80 13.53
CA HIS D 44 -32.44 -13.00 12.51
C HIS D 44 -31.08 -13.31 13.10
N ALA D 45 -31.02 -13.71 14.38
CA ALA D 45 -29.73 -14.05 14.98
C ALA D 45 -29.09 -15.23 14.27
N LYS D 46 -29.90 -16.25 13.94
CA LYS D 46 -29.37 -17.43 13.27
C LYS D 46 -28.84 -17.12 11.87
N GLU D 47 -29.24 -16.00 11.28
CA GLU D 47 -28.88 -15.66 9.91
C GLU D 47 -27.64 -14.76 9.83
N ASP D 48 -27.01 -14.45 10.97
CA ASP D 48 -25.84 -13.57 11.02
C ASP D 48 -24.60 -14.41 11.28
N PRO D 49 -23.75 -14.64 10.27
CA PRO D 49 -22.53 -15.43 10.51
C PRO D 49 -21.62 -14.82 11.57
N LEU D 50 -21.50 -13.50 11.64
CA LEU D 50 -20.62 -12.90 12.64
C LEU D 50 -21.14 -13.12 14.06
N LEU D 51 -22.45 -12.98 14.25
CA LEU D 51 -23.02 -13.23 15.58
C LEU D 51 -22.86 -14.70 15.97
N THR D 52 -23.11 -15.61 15.03
CA THR D 52 -22.96 -17.04 15.26
C THR D 52 -21.94 -17.59 14.27
N PRO D 53 -20.69 -17.86 14.70
CA PRO D 53 -19.68 -18.35 13.77
C PRO D 53 -20.15 -19.55 12.95
N VAL D 54 -20.23 -19.38 11.65
CA VAL D 54 -20.69 -20.47 10.76
C VAL D 54 -19.62 -21.55 10.72
N PRO D 55 -19.99 -22.83 10.58
CA PRO D 55 -18.97 -23.88 10.46
C PRO D 55 -18.10 -23.65 9.23
N ALA D 56 -16.83 -24.04 9.36
CA ALA D 56 -15.87 -23.85 8.28
C ALA D 56 -16.25 -24.63 7.03
N SER D 57 -17.12 -25.64 7.14
CA SER D 57 -17.49 -26.43 5.98
C SER D 57 -18.15 -25.56 4.91
N GLU D 58 -19.03 -24.66 5.33
CA GLU D 58 -19.75 -23.77 4.42
C GLU D 58 -19.26 -22.33 4.51
N ASN D 59 -18.00 -22.12 4.90
CA ASN D 59 -17.42 -20.80 5.02
C ASN D 59 -16.60 -20.50 3.78
N PRO D 60 -17.00 -19.54 2.94
CA PRO D 60 -16.19 -19.25 1.74
C PRO D 60 -14.80 -18.73 2.04
N PHE D 61 -14.56 -18.17 3.22
CA PHE D 61 -13.30 -17.49 3.52
C PHE D 61 -12.24 -18.42 4.13
N ARG D 62 -12.58 -19.67 4.42
CA ARG D 62 -11.60 -20.60 4.98
C ARG D 62 -10.92 -21.38 3.85
N SER E 10 39.23 -29.49 36.56
CA SER E 10 38.37 -28.32 36.91
C SER E 10 38.53 -27.20 35.89
N TYR E 11 39.76 -27.00 35.42
CA TYR E 11 40.01 -25.96 34.43
C TYR E 11 39.26 -26.26 33.13
N GLN E 12 39.24 -27.52 32.71
CA GLN E 12 38.56 -27.88 31.47
C GLN E 12 37.07 -27.59 31.56
N VAL E 13 36.45 -27.90 32.70
CA VAL E 13 35.02 -27.66 32.86
C VAL E 13 34.73 -26.16 32.78
N ILE E 14 35.54 -25.35 33.44
CA ILE E 14 35.32 -23.90 33.40
C ILE E 14 35.49 -23.37 31.97
N THR E 15 36.52 -23.86 31.27
CA THR E 15 36.72 -23.44 29.90
C THR E 15 35.54 -23.80 29.02
N SER E 16 35.05 -25.04 29.16
CA SER E 16 33.89 -25.47 28.38
C SER E 16 32.68 -24.61 28.68
N LEU E 17 32.44 -24.32 29.97
CA LEU E 17 31.29 -23.49 30.33
C LEU E 17 31.40 -22.10 29.72
N LEU E 18 32.58 -21.49 29.82
CA LEU E 18 32.75 -20.14 29.28
C LEU E 18 32.57 -20.12 27.77
N LEU E 19 33.18 -21.09 27.06
CA LEU E 19 33.04 -21.12 25.61
C LEU E 19 31.60 -21.36 25.20
N GLY E 20 30.90 -22.27 25.90
CA GLY E 20 29.51 -22.52 25.59
C GLY E 20 28.65 -21.30 25.83
N THR E 21 28.89 -20.58 26.92
CA THR E 21 28.13 -19.37 27.19
C THR E 21 28.37 -18.32 26.11
N LEU E 22 29.63 -18.13 25.70
CA LEU E 22 29.92 -17.17 24.64
C LEU E 22 29.24 -17.55 23.34
N ILE E 23 29.31 -18.83 22.97
CA ILE E 23 28.69 -19.28 21.72
C ILE E 23 27.18 -19.10 21.79
N PHE E 24 26.57 -19.43 22.92
CA PHE E 24 25.13 -19.28 23.06
C PHE E 24 24.73 -17.81 22.96
N CYS E 25 25.50 -16.92 23.59
CA CYS E 25 25.19 -15.50 23.51
C CYS E 25 25.29 -15.01 22.07
N ALA E 26 26.35 -15.40 21.35
CA ALA E 26 26.50 -14.98 19.96
C ALA E 26 25.35 -15.49 19.11
N VAL E 27 25.00 -16.77 19.27
CA VAL E 27 23.90 -17.35 18.49
C VAL E 27 22.60 -16.62 18.79
N LEU E 28 22.32 -16.37 20.07
CA LEU E 28 21.09 -15.68 20.44
C LEU E 28 21.04 -14.28 19.83
N GLY E 29 22.14 -13.53 19.93
CA GLY E 29 22.13 -12.19 19.39
C GLY E 29 21.94 -12.17 17.88
N ASN E 30 22.68 -13.02 17.16
CA ASN E 30 22.55 -13.04 15.71
C ASN E 30 21.16 -13.49 15.27
N ALA E 31 20.61 -14.51 15.94
CA ALA E 31 19.27 -14.98 15.61
C ALA E 31 18.24 -13.90 15.87
N CYS E 32 18.37 -13.18 16.99
CA CYS E 32 17.43 -12.10 17.27
C CYS E 32 17.51 -11.00 16.21
N VAL E 33 18.73 -10.63 15.81
CA VAL E 33 18.87 -9.61 14.78
C VAL E 33 18.22 -10.07 13.48
N VAL E 34 18.50 -11.30 13.07
CA VAL E 34 17.96 -11.82 11.81
C VAL E 34 16.43 -11.87 11.87
N ALA E 35 15.88 -12.34 12.99
CA ALA E 35 14.43 -12.42 13.14
C ALA E 35 13.81 -11.03 13.08
N ALA E 36 14.41 -10.06 13.77
CA ALA E 36 13.89 -8.70 13.75
C ALA E 36 13.90 -8.13 12.33
N ILE E 37 14.98 -8.39 11.59
CA ILE E 37 15.05 -7.88 10.22
C ILE E 37 14.02 -8.55 9.34
N ALA E 38 13.78 -9.84 9.53
CA ALA E 38 12.94 -10.61 8.61
C ALA E 38 11.46 -10.40 8.91
N LEU E 39 11.03 -10.68 10.14
CA LEU E 39 9.60 -10.69 10.44
C LEU E 39 8.95 -9.32 10.31
N GLU E 40 9.75 -8.26 10.27
CA GLU E 40 9.23 -6.88 10.20
C GLU E 40 9.83 -6.21 8.97
N ARG E 41 8.99 -5.96 7.96
CA ARG E 41 9.45 -5.26 6.77
C ARG E 41 9.34 -3.75 6.94
N SER E 42 9.92 -3.23 8.02
CA SER E 42 10.15 -1.80 8.17
C SER E 42 11.63 -1.46 8.26
N LEU E 43 12.49 -2.44 8.54
CA LEU E 43 13.93 -2.26 8.56
C LEU E 43 14.60 -2.81 7.30
N GLN E 44 13.86 -2.93 6.20
CA GLN E 44 14.40 -3.44 4.94
C GLN E 44 15.01 -2.28 4.19
N ASN E 45 16.32 -2.10 4.34
CA ASN E 45 17.06 -1.05 3.68
C ASN E 45 18.40 -1.60 3.22
N VAL E 46 19.06 -0.86 2.33
CA VAL E 46 20.35 -1.32 1.81
C VAL E 46 21.35 -1.51 2.94
N ALA E 47 21.49 -0.48 3.79
CA ALA E 47 22.37 -0.61 4.95
C ALA E 47 21.85 -1.68 5.90
N ASN E 48 20.54 -1.71 6.13
CA ASN E 48 19.97 -2.73 7.00
C ASN E 48 20.09 -4.11 6.38
N TYR E 49 20.00 -4.21 5.05
CA TYR E 49 20.23 -5.49 4.39
C TYR E 49 21.65 -5.97 4.60
N LEU E 50 22.63 -5.06 4.49
CA LEU E 50 24.01 -5.44 4.76
C LEU E 50 24.19 -5.86 6.22
N ILE E 51 23.54 -5.14 7.14
CA ILE E 51 23.63 -5.50 8.55
C ILE E 51 23.04 -6.89 8.79
N GLY E 52 21.91 -7.19 8.15
CA GLY E 52 21.32 -8.51 8.28
C GLY E 52 22.20 -9.61 7.71
N SER E 53 22.84 -9.34 6.57
CA SER E 53 23.78 -10.31 6.01
C SER E 53 24.95 -10.55 6.96
N LEU E 54 25.46 -9.47 7.57
CA LEU E 54 26.52 -9.62 8.56
C LEU E 54 26.05 -10.45 9.75
N ALA E 55 24.82 -10.22 10.20
CA ALA E 55 24.28 -10.99 11.31
C ALA E 55 24.15 -12.46 10.94
N VAL E 56 23.72 -12.75 9.72
CA VAL E 56 23.61 -14.14 9.26
C VAL E 56 24.99 -14.79 9.23
N THR E 57 25.99 -14.06 8.74
CA THR E 57 27.34 -14.61 8.72
C THR E 57 27.84 -14.89 10.13
N ASP E 58 27.57 -13.97 11.07
CA ASP E 58 27.97 -14.18 12.45
C ASP E 58 27.25 -15.39 13.05
N LEU E 59 25.97 -15.56 12.72
CA LEU E 59 25.24 -16.74 13.20
C LEU E 59 25.86 -18.01 12.65
N MET E 60 26.22 -18.01 11.37
CA MET E 60 26.88 -19.18 10.80
C MET E 60 28.20 -19.47 11.51
N VAL E 61 28.97 -18.43 11.80
CA VAL E 61 30.21 -18.61 12.55
C VAL E 61 29.92 -19.25 13.90
N SER E 62 28.91 -18.72 14.60
CA SER E 62 28.62 -19.18 15.95
C SER E 62 28.15 -20.63 15.96
N VAL E 63 27.34 -21.02 14.97
CA VAL E 63 26.73 -22.35 15.04
C VAL E 63 27.62 -23.41 14.39
N LEU E 64 28.48 -23.03 13.45
CA LEU E 64 29.24 -24.00 12.67
C LEU E 64 30.65 -24.23 13.22
N VAL E 65 31.44 -23.16 13.34
CA VAL E 65 32.86 -23.33 13.62
C VAL E 65 33.19 -23.19 15.10
N LEU E 66 32.50 -22.32 15.83
CA LEU E 66 32.84 -22.12 17.24
C LEU E 66 32.75 -23.40 18.06
N PRO E 67 31.66 -24.18 17.99
CA PRO E 67 31.65 -25.43 18.77
C PRO E 67 32.79 -26.36 18.43
N MET E 68 33.14 -26.47 17.14
CA MET E 68 34.30 -27.27 16.77
C MET E 68 35.58 -26.67 17.32
N ALA E 69 35.70 -25.34 17.24
CA ALA E 69 36.86 -24.67 17.82
C ALA E 69 36.89 -24.86 19.33
N ALA E 70 35.73 -24.77 19.99
CA ALA E 70 35.68 -24.98 21.43
C ALA E 70 36.14 -26.38 21.80
N LEU E 71 35.70 -27.39 21.05
CA LEU E 71 36.18 -28.74 21.29
C LEU E 71 37.68 -28.84 21.07
N TYR E 72 38.19 -28.18 20.02
CA TYR E 72 39.62 -28.19 19.76
C TYR E 72 40.42 -27.57 20.90
N GLN E 73 39.82 -26.62 21.65
CA GLN E 73 40.50 -25.94 22.73
C GLN E 73 40.37 -26.66 24.06
N VAL E 74 39.19 -27.19 24.38
CA VAL E 74 38.99 -27.87 25.66
C VAL E 74 39.87 -29.10 25.75
N LEU E 75 39.88 -29.92 24.70
CA LEU E 75 40.65 -31.16 24.71
C LEU E 75 42.12 -30.94 24.39
N ASN E 76 42.49 -29.77 23.87
CA ASN E 76 43.85 -29.41 23.50
C ASN E 76 44.35 -30.19 22.29
N LYS E 77 43.54 -31.07 21.71
CA LYS E 77 43.96 -31.86 20.57
C LYS E 77 42.76 -32.07 19.65
N TRP E 78 43.06 -32.38 18.38
CA TRP E 78 42.03 -32.64 17.38
C TRP E 78 41.79 -34.13 17.29
N THR E 79 40.52 -34.53 17.42
CA THR E 79 40.13 -35.93 17.45
C THR E 79 38.98 -36.20 16.49
N LEU E 80 38.94 -35.49 15.37
CA LEU E 80 37.88 -35.66 14.38
C LEU E 80 38.40 -36.11 13.02
N GLY E 81 39.68 -35.96 12.72
CA GLY E 81 40.23 -36.40 11.47
C GLY E 81 40.72 -35.25 10.60
N GLN E 82 41.60 -35.60 9.64
CA GLN E 82 42.20 -34.59 8.78
C GLN E 82 41.15 -33.91 7.89
N VAL E 83 40.23 -34.68 7.33
CA VAL E 83 39.22 -34.10 6.44
C VAL E 83 38.36 -33.10 7.19
N THR E 84 37.91 -33.49 8.39
CA THR E 84 37.09 -32.58 9.19
C THR E 84 37.89 -31.36 9.62
N CYS E 85 39.16 -31.55 9.97
CA CYS E 85 40.01 -30.41 10.33
C CYS E 85 40.09 -29.43 9.17
N ASP E 86 40.36 -29.93 7.96
CA ASP E 86 40.47 -29.05 6.81
C ASP E 86 39.15 -28.34 6.52
N LEU E 87 38.04 -29.08 6.60
CA LEU E 87 36.74 -28.46 6.36
C LEU E 87 36.45 -27.36 7.38
N PHE E 88 36.74 -27.63 8.66
CA PHE E 88 36.50 -26.64 9.70
C PHE E 88 37.37 -25.40 9.49
N ILE E 89 38.65 -25.61 9.17
CA ILE E 89 39.54 -24.47 8.97
C ILE E 89 39.05 -23.62 7.79
N ALA E 90 38.71 -24.28 6.68
CA ALA E 90 38.25 -23.55 5.50
C ALA E 90 36.96 -22.79 5.81
N LEU E 91 36.02 -23.44 6.50
CA LEU E 91 34.76 -22.78 6.81
C LEU E 91 34.98 -21.58 7.73
N ASP E 92 35.82 -21.74 8.75
CA ASP E 92 36.08 -20.63 9.67
C ASP E 92 36.73 -19.46 8.94
N VAL E 93 37.73 -19.74 8.10
CA VAL E 93 38.38 -18.68 7.35
C VAL E 93 37.38 -17.98 6.45
N LEU E 94 36.57 -18.76 5.72
CA LEU E 94 35.59 -18.17 4.81
C LEU E 94 34.62 -17.28 5.56
N CYS E 95 34.09 -17.77 6.67
CA CYS E 95 33.06 -17.00 7.38
C CYS E 95 33.65 -15.75 8.03
N CYS E 96 34.84 -15.84 8.62
CA CYS E 96 35.45 -14.66 9.21
C CYS E 96 35.81 -13.62 8.15
N THR E 97 36.33 -14.07 7.01
CA THR E 97 36.60 -13.14 5.91
C THR E 97 35.32 -12.49 5.43
N SER E 98 34.24 -13.28 5.33
CA SER E 98 32.96 -12.71 4.92
C SER E 98 32.46 -11.67 5.91
N SER E 99 32.62 -11.93 7.21
CA SER E 99 32.21 -10.95 8.21
C SER E 99 33.02 -9.67 8.10
N ILE E 100 34.33 -9.79 7.94
CA ILE E 100 35.18 -8.59 7.85
C ILE E 100 34.80 -7.79 6.60
N TRP E 101 34.61 -8.47 5.47
CA TRP E 101 34.24 -7.76 4.26
C TRP E 101 32.83 -7.22 4.33
N HIS E 102 31.96 -7.82 5.14
CA HIS E 102 30.64 -7.24 5.37
C HIS E 102 30.75 -5.94 6.15
N LEU E 103 31.63 -5.91 7.16
CA LEU E 103 31.90 -4.66 7.86
C LEU E 103 32.41 -3.60 6.89
N CYS E 104 33.35 -4.00 6.02
CA CYS E 104 33.89 -3.05 5.04
C CYS E 104 32.80 -2.57 4.09
N ALA E 105 31.92 -3.46 3.66
CA ALA E 105 30.85 -3.08 2.74
C ALA E 105 29.86 -2.14 3.42
N ILE E 106 29.55 -2.38 4.69
CA ILE E 106 28.69 -1.45 5.43
C ILE E 106 29.34 -0.08 5.51
N ALA E 107 30.64 -0.03 5.78
CA ALA E 107 31.34 1.24 5.82
C ALA E 107 31.29 1.93 4.47
N LEU E 108 31.48 1.18 3.38
CA LEU E 108 31.44 1.77 2.04
C LEU E 108 30.05 2.29 1.72
N ASP E 109 29.01 1.55 2.10
CA ASP E 109 27.64 2.01 1.86
C ASP E 109 27.36 3.29 2.64
N ARG E 110 27.80 3.36 3.89
CA ARG E 110 27.63 4.59 4.66
C ARG E 110 28.36 5.76 4.01
N TYR E 111 29.59 5.52 3.55
CA TYR E 111 30.35 6.58 2.89
C TYR E 111 29.63 7.06 1.63
N TRP E 112 29.15 6.13 0.80
CA TRP E 112 28.45 6.52 -0.42
C TRP E 112 27.19 7.30 -0.11
N ALA E 113 26.43 6.86 0.90
CA ALA E 113 25.21 7.57 1.27
C ALA E 113 25.53 8.99 1.75
N ILE E 114 26.57 9.12 2.57
CA ILE E 114 26.89 10.42 3.14
C ILE E 114 27.41 11.38 2.07
N THR E 115 28.33 10.91 1.23
CA THR E 115 29.03 11.78 0.29
C THR E 115 28.35 11.87 -1.08
N ASP E 116 27.42 10.97 -1.38
CA ASP E 116 26.76 10.92 -2.69
C ASP E 116 25.26 10.87 -2.48
N PRO E 117 24.65 11.97 -2.02
CA PRO E 117 23.19 11.95 -1.78
C PRO E 117 22.38 11.68 -3.05
N ILE E 118 22.85 12.15 -4.21
CA ILE E 118 22.12 11.91 -5.45
C ILE E 118 22.05 10.41 -5.74
N ASP E 119 23.18 9.72 -5.60
CA ASP E 119 23.19 8.27 -5.79
C ASP E 119 22.32 7.59 -4.75
N TYR E 120 22.35 8.09 -3.50
CA TYR E 120 21.52 7.52 -2.45
C TYR E 120 20.04 7.59 -2.83
N VAL E 121 19.60 8.75 -3.32
CA VAL E 121 18.19 8.93 -3.64
C VAL E 121 17.81 8.12 -4.87
N ASN E 122 18.64 8.16 -5.92
CA ASN E 122 18.28 7.61 -7.22
C ASN E 122 18.88 6.22 -7.46
N LYS E 123 20.20 6.10 -7.38
CA LYS E 123 20.90 4.92 -7.86
C LYS E 123 21.15 3.87 -6.80
N ARG E 124 20.66 4.06 -5.57
CA ARG E 124 20.85 3.10 -4.49
C ARG E 124 19.61 2.23 -4.40
N THR E 125 19.80 0.92 -4.55
CA THR E 125 18.70 -0.05 -4.50
C THR E 125 19.18 -1.33 -3.82
N PRO E 126 18.28 -2.22 -3.41
CA PRO E 126 18.72 -3.46 -2.76
C PRO E 126 19.66 -4.29 -3.61
N ARG E 127 19.61 -4.14 -4.95
CA ARG E 127 20.56 -4.84 -5.79
C ARG E 127 22.00 -4.47 -5.43
N ARG E 128 22.22 -3.23 -4.98
CA ARG E 128 23.55 -2.84 -4.52
C ARG E 128 23.99 -3.68 -3.33
N ALA E 129 23.08 -3.86 -2.36
CA ALA E 129 23.41 -4.69 -1.20
C ALA E 129 23.66 -6.14 -1.62
N ALA E 130 22.85 -6.66 -2.54
CA ALA E 130 23.05 -8.02 -3.01
C ALA E 130 24.42 -8.17 -3.68
N ALA E 131 24.79 -7.19 -4.52
CA ALA E 131 26.09 -7.24 -5.18
C ALA E 131 27.23 -7.17 -4.17
N LEU E 132 27.10 -6.30 -3.16
CA LEU E 132 28.14 -6.21 -2.15
C LEU E 132 28.28 -7.53 -1.39
N ILE E 133 27.16 -8.14 -1.01
CA ILE E 133 27.21 -9.41 -0.30
C ILE E 133 27.86 -10.48 -1.17
N SER E 134 27.48 -10.53 -2.45
CA SER E 134 28.07 -11.51 -3.34
C SER E 134 29.56 -11.30 -3.48
N LEU E 135 30.01 -10.04 -3.60
CA LEU E 135 31.43 -9.76 -3.70
C LEU E 135 32.16 -10.19 -2.43
N THR E 136 31.58 -9.91 -1.27
CA THR E 136 32.21 -10.31 -0.01
C THR E 136 32.35 -11.83 0.08
N TRP E 137 31.28 -12.55 -0.27
CA TRP E 137 31.35 -14.01 -0.24
C TRP E 137 32.36 -14.54 -1.26
N LEU E 138 32.43 -13.92 -2.44
CA LEU E 138 33.41 -14.33 -3.43
C LEU E 138 34.83 -14.14 -2.93
N ILE E 139 35.09 -13.01 -2.27
CA ILE E 139 36.42 -12.78 -1.71
C ILE E 139 36.73 -13.80 -0.63
N GLY E 140 35.76 -14.10 0.23
CA GLY E 140 35.97 -15.13 1.24
C GLY E 140 36.29 -16.49 0.64
N PHE E 141 35.55 -16.86 -0.42
CA PHE E 141 35.82 -18.14 -1.07
C PHE E 141 37.19 -18.14 -1.73
N LEU E 142 37.59 -17.03 -2.34
CA LEU E 142 38.93 -16.96 -2.92
C LEU E 142 40.00 -17.07 -1.85
N ILE E 143 39.73 -16.56 -0.65
CA ILE E 143 40.69 -16.68 0.44
C ILE E 143 40.76 -18.13 0.93
N SER E 144 39.61 -18.81 0.98
CA SER E 144 39.53 -20.13 1.59
C SER E 144 39.82 -21.28 0.62
N ILE E 145 39.83 -21.04 -0.68
CA ILE E 145 40.03 -22.09 -1.67
C ILE E 145 41.49 -22.53 -1.77
N PRO E 146 42.47 -21.63 -1.70
CA PRO E 146 43.86 -22.02 -1.93
C PRO E 146 44.28 -23.23 -1.10
N PRO E 147 43.93 -23.29 0.19
CA PRO E 147 44.34 -24.46 0.97
C PRO E 147 43.77 -25.77 0.45
N MET E 148 42.67 -25.72 -0.29
CA MET E 148 42.08 -26.94 -0.84
C MET E 148 42.78 -27.36 -2.13
N LEU E 149 42.73 -26.50 -3.15
CA LEU E 149 43.31 -26.86 -4.45
C LEU E 149 44.81 -27.09 -4.35
N GLY E 150 45.52 -26.22 -3.64
CA GLY E 150 46.96 -26.33 -3.55
C GLY E 150 47.49 -26.08 -2.15
N TRP E 151 48.79 -25.81 -2.04
CA TRP E 151 49.42 -25.56 -0.75
C TRP E 151 49.25 -26.78 0.16
N ARG E 152 49.36 -26.58 1.47
CA ARG E 152 49.32 -27.67 2.44
C ARG E 152 50.46 -28.66 2.18
N THR E 153 51.69 -28.12 2.27
CA THR E 153 52.90 -28.88 2.00
C THR E 153 52.97 -30.10 2.92
N PRO E 154 53.85 -31.06 2.63
CA PRO E 154 53.95 -32.24 3.50
C PRO E 154 54.23 -31.91 4.95
N GLU E 155 55.02 -30.86 5.21
CA GLU E 155 55.27 -30.47 6.59
C GLU E 155 54.00 -30.04 7.30
N ASP E 156 53.06 -29.45 6.57
CA ASP E 156 51.80 -29.03 7.18
C ASP E 156 51.01 -30.24 7.65
N ARG E 157 50.24 -30.05 8.72
CA ARG E 157 49.41 -31.10 9.31
C ARG E 157 50.19 -32.41 9.46
N SER E 158 51.49 -32.30 9.75
CA SER E 158 52.31 -33.50 9.94
C SER E 158 51.91 -34.26 11.20
N ASP E 159 51.32 -33.56 12.18
CA ASP E 159 50.91 -34.19 13.43
C ASP E 159 49.40 -34.28 13.48
N PRO E 160 48.79 -35.45 13.29
CA PRO E 160 47.32 -35.53 13.31
C PRO E 160 46.70 -35.21 14.65
N ASP E 161 47.48 -35.28 15.74
CA ASP E 161 46.92 -34.99 17.05
C ASP E 161 46.39 -33.57 17.14
N ALA E 162 47.14 -32.61 16.60
CA ALA E 162 46.73 -31.21 16.59
C ALA E 162 47.06 -30.63 15.22
N CYS E 163 46.03 -30.35 14.42
CA CYS E 163 46.21 -29.80 13.09
C CYS E 163 46.22 -28.29 13.15
N THR E 164 47.08 -27.68 12.34
CA THR E 164 47.27 -26.23 12.32
C THR E 164 47.08 -25.70 10.91
N ILE E 165 46.61 -24.45 10.83
CA ILE E 165 46.39 -23.82 9.53
C ILE E 165 47.72 -23.74 8.77
N SER E 166 47.61 -23.68 7.44
CA SER E 166 48.79 -23.61 6.60
C SER E 166 49.65 -22.40 6.97
N LYS E 167 50.97 -22.62 7.02
CA LYS E 167 51.92 -21.58 7.41
C LYS E 167 52.84 -21.19 6.26
N ASP E 168 52.48 -21.52 5.02
CA ASP E 168 53.30 -21.12 3.88
C ASP E 168 53.39 -19.60 3.81
N HIS E 169 54.59 -19.10 3.53
CA HIS E 169 54.82 -17.66 3.56
C HIS E 169 53.90 -16.94 2.57
N GLY E 170 53.90 -17.38 1.31
CA GLY E 170 53.06 -16.72 0.32
C GLY E 170 51.59 -16.78 0.68
N TYR E 171 51.10 -17.98 1.02
CA TYR E 171 49.69 -18.13 1.36
C TYR E 171 49.33 -17.31 2.59
N THR E 172 50.16 -17.37 3.63
CA THR E 172 49.81 -16.66 4.86
C THR E 172 49.80 -15.16 4.64
N ILE E 173 50.78 -14.62 3.92
CA ILE E 173 50.79 -13.18 3.66
C ILE E 173 49.57 -12.80 2.82
N TYR E 174 49.28 -13.57 1.77
CA TYR E 174 48.14 -13.25 0.92
C TYR E 174 46.84 -13.25 1.73
N SER E 175 46.62 -14.31 2.51
CA SER E 175 45.38 -14.43 3.27
C SER E 175 45.26 -13.32 4.30
N THR E 176 46.32 -13.10 5.10
CA THR E 176 46.27 -12.07 6.12
C THR E 176 46.01 -10.71 5.50
N PHE E 177 46.73 -10.38 4.44
CA PHE E 177 46.51 -9.11 3.76
C PHE E 177 45.06 -8.99 3.33
N GLY E 178 44.63 -9.85 2.42
CA GLY E 178 43.30 -9.72 1.83
C GLY E 178 42.16 -9.88 2.81
N ALA E 179 42.43 -10.41 4.00
CA ALA E 179 41.38 -10.63 5.00
C ALA E 179 41.30 -9.53 6.04
N PHE E 180 42.43 -8.92 6.41
CA PHE E 180 42.43 -7.87 7.43
C PHE E 180 43.04 -6.57 6.95
N TYR E 181 44.23 -6.61 6.35
CA TYR E 181 44.97 -5.38 6.11
C TYR E 181 44.29 -4.54 5.03
N ILE E 182 43.95 -5.15 3.89
CA ILE E 182 43.22 -4.43 2.86
C ILE E 182 41.84 -4.00 3.37
N PRO E 183 41.02 -4.87 3.98
CA PRO E 183 39.80 -4.37 4.61
C PRO E 183 40.06 -3.31 5.67
N LEU E 184 41.12 -3.47 6.47
CA LEU E 184 41.41 -2.48 7.50
C LEU E 184 41.75 -1.13 6.88
N LEU E 185 42.62 -1.12 5.88
CA LEU E 185 43.00 0.13 5.23
C LEU E 185 41.81 0.79 4.56
N LEU E 186 41.00 0.00 3.84
CA LEU E 186 39.85 0.57 3.16
C LEU E 186 38.84 1.12 4.16
N MET E 187 38.59 0.39 5.24
CA MET E 187 37.67 0.87 6.27
C MET E 187 38.17 2.15 6.91
N LEU E 188 39.48 2.20 7.21
CA LEU E 188 40.05 3.42 7.78
C LEU E 188 39.89 4.60 6.84
N VAL E 189 40.19 4.40 5.56
CA VAL E 189 40.08 5.50 4.59
C VAL E 189 38.62 5.96 4.48
N LEU E 190 37.69 5.00 4.38
CA LEU E 190 36.28 5.36 4.23
C LEU E 190 35.77 6.11 5.46
N TYR E 191 36.13 5.65 6.65
CA TYR E 191 35.66 6.33 7.85
C TYR E 191 36.35 7.68 8.07
N GLY E 192 37.59 7.83 7.60
CA GLY E 192 38.20 9.14 7.62
C GLY E 192 37.49 10.12 6.68
N ARG E 193 37.13 9.63 5.48
CA ARG E 193 36.36 10.46 4.56
C ARG E 193 35.02 10.84 5.17
N ILE E 194 34.35 9.88 5.82
CA ILE E 194 33.07 10.16 6.47
C ILE E 194 33.25 11.16 7.60
N PHE E 195 34.33 11.03 8.37
CA PHE E 195 34.57 11.95 9.47
C PHE E 195 34.79 13.36 8.97
N ARG E 196 35.58 13.53 7.90
CA ARG E 196 35.79 14.87 7.36
C ARG E 196 34.50 15.44 6.79
N ALA E 197 33.69 14.59 6.14
CA ALA E 197 32.41 15.06 5.61
C ALA E 197 31.49 15.53 6.74
N ALA E 198 31.43 14.74 7.82
CA ALA E 198 30.60 15.12 8.97
C ALA E 198 31.10 16.42 9.60
N ARG E 199 32.43 16.56 9.71
CA ARG E 199 32.98 17.79 10.27
C ARG E 199 32.61 18.99 9.41
N PHE E 200 32.73 18.84 8.08
CA PHE E 200 32.36 19.94 7.18
C PHE E 200 30.89 20.29 7.33
N ARG E 201 30.02 19.27 7.40
CA ARG E 201 28.59 19.53 7.50
C ARG E 201 28.24 20.21 8.82
N ILE E 202 28.81 19.74 9.93
CA ILE E 202 28.46 20.29 11.23
C ILE E 202 29.01 21.71 11.37
N ARG E 203 30.26 21.93 10.94
CA ARG E 203 30.83 23.28 10.98
C ARG E 203 30.05 24.21 10.06
N LYS E 204 29.67 23.73 8.89
CA LYS E 204 28.90 24.53 7.93
C LYS E 204 27.55 24.93 8.53
N ASN E 301 20.71 37.37 20.90
CA ASN E 301 21.08 36.66 19.67
C ASN E 301 22.34 35.83 19.88
N GLU E 302 23.28 36.37 20.66
CA GLU E 302 24.52 35.64 20.93
C GLU E 302 24.25 34.38 21.72
N ARG E 303 23.20 34.36 22.54
CA ARG E 303 22.85 33.15 23.28
C ARG E 303 22.47 32.02 22.33
N ASN E 304 21.75 32.35 21.26
CA ASN E 304 21.41 31.33 20.27
C ASN E 304 22.67 30.79 19.61
N ALA E 305 23.63 31.67 19.31
CA ALA E 305 24.89 31.22 18.73
C ALA E 305 25.64 30.29 19.69
N GLU E 306 25.64 30.64 20.98
CA GLU E 306 26.29 29.79 21.97
C GLU E 306 25.61 28.43 22.05
N ALA E 307 24.27 28.42 22.01
CA ALA E 307 23.55 27.15 22.04
C ALA E 307 23.87 26.31 20.81
N LYS E 308 23.96 26.94 19.65
CA LYS E 308 24.33 26.23 18.42
C LYS E 308 25.74 25.67 18.54
N ARG E 309 26.65 26.43 19.14
CA ARG E 309 28.01 25.94 19.35
C ARG E 309 28.00 24.71 20.25
N LYS E 310 27.22 24.76 21.33
CA LYS E 310 27.13 23.61 22.22
C LYS E 310 26.57 22.39 21.48
N MET E 311 25.54 22.60 20.66
CA MET E 311 24.96 21.50 19.91
C MET E 311 25.99 20.91 18.93
N ALA E 312 26.74 21.77 18.26
CA ALA E 312 27.75 21.30 17.32
C ALA E 312 28.82 20.50 18.04
N LEU E 313 29.27 20.98 19.21
CA LEU E 313 30.26 20.24 19.98
C LEU E 313 29.71 18.89 20.42
N ALA E 314 28.45 18.86 20.85
CA ALA E 314 27.86 17.59 21.27
C ALA E 314 27.78 16.60 20.11
N ARG E 315 27.37 17.08 18.94
CA ARG E 315 27.29 16.19 17.78
C ARG E 315 28.67 15.69 17.36
N GLU E 316 29.66 16.58 17.40
CA GLU E 316 31.03 16.17 17.08
C GLU E 316 31.52 15.10 18.06
N ARG E 317 31.26 15.30 19.34
CA ARG E 317 31.66 14.32 20.34
C ARG E 317 30.94 13.00 20.10
N LYS E 318 29.65 13.04 19.75
CA LYS E 318 28.91 11.81 19.52
C LYS E 318 29.48 11.04 18.33
N THR E 319 29.74 11.73 17.22
CA THR E 319 30.28 11.04 16.05
C THR E 319 31.69 10.51 16.32
N VAL E 320 32.51 11.28 17.04
CA VAL E 320 33.84 10.81 17.41
C VAL E 320 33.74 9.57 18.27
N LYS E 321 32.80 9.56 19.23
CA LYS E 321 32.62 8.40 20.09
C LYS E 321 32.21 7.18 19.27
N THR E 322 31.27 7.36 18.33
CA THR E 322 30.82 6.23 17.52
C THR E 322 31.97 5.66 16.69
N LEU E 323 32.70 6.54 15.99
CA LEU E 323 33.82 6.07 15.18
C LEU E 323 34.89 5.40 16.05
N GLY E 324 35.19 5.99 17.20
CA GLY E 324 36.18 5.40 18.08
C GLY E 324 35.77 4.04 18.59
N ILE E 325 34.50 3.90 18.97
CA ILE E 325 34.02 2.59 19.45
C ILE E 325 34.16 1.55 18.35
N ILE E 326 33.69 1.88 17.14
CA ILE E 326 33.73 0.91 16.05
C ILE E 326 35.17 0.50 15.77
N MET E 327 36.05 1.49 15.58
CA MET E 327 37.43 1.19 15.21
C MET E 327 38.16 0.47 16.33
N GLY E 328 37.93 0.88 17.59
CA GLY E 328 38.58 0.22 18.70
C GLY E 328 38.18 -1.23 18.83
N THR E 329 36.87 -1.52 18.72
CA THR E 329 36.46 -2.91 18.75
C THR E 329 37.11 -3.69 17.61
N PHE E 330 36.98 -3.18 16.39
CA PHE E 330 37.51 -3.92 15.24
C PHE E 330 39.00 -4.20 15.40
N ILE E 331 39.78 -3.19 15.77
CA ILE E 331 41.22 -3.34 15.91
C ILE E 331 41.53 -4.26 17.07
N LEU E 332 41.17 -3.84 18.29
CA LEU E 332 41.48 -4.63 19.48
C LEU E 332 41.08 -6.09 19.32
N CYS E 333 40.14 -6.40 18.43
CA CYS E 333 39.79 -7.80 18.22
C CYS E 333 40.65 -8.46 17.13
N TRP E 334 40.61 -7.93 15.90
CA TRP E 334 41.17 -8.63 14.75
C TRP E 334 42.62 -8.28 14.46
N LEU E 335 43.22 -7.33 15.18
CA LEU E 335 44.59 -6.94 14.87
C LEU E 335 45.58 -7.96 15.42
N PRO E 336 45.50 -8.33 16.70
CA PRO E 336 46.48 -9.29 17.22
C PRO E 336 46.49 -10.61 16.47
N PHE E 337 45.32 -11.09 16.06
CA PHE E 337 45.25 -12.38 15.38
C PHE E 337 46.04 -12.36 14.07
N PHE E 338 45.81 -11.33 13.25
CA PHE E 338 46.53 -11.27 11.99
C PHE E 338 47.99 -10.89 12.18
N ILE E 339 48.29 -10.10 13.21
CA ILE E 339 49.69 -9.80 13.50
C ILE E 339 50.45 -11.08 13.81
N VAL E 340 49.89 -11.94 14.66
CA VAL E 340 50.56 -13.20 14.97
C VAL E 340 50.56 -14.12 13.75
N ALA E 341 49.45 -14.17 13.01
CA ALA E 341 49.41 -15.02 11.81
C ALA E 341 50.46 -14.61 10.80
N LEU E 342 50.85 -13.33 10.80
CA LEU E 342 51.87 -12.85 9.89
C LEU E 342 53.29 -13.01 10.45
N VAL E 343 53.45 -12.89 11.76
CA VAL E 343 54.79 -12.93 12.36
C VAL E 343 55.26 -14.36 12.55
N LEU E 344 54.41 -15.22 13.12
CA LEU E 344 54.82 -16.58 13.44
C LEU E 344 55.37 -17.35 12.24
N PRO E 345 54.72 -17.34 11.07
CA PRO E 345 55.29 -18.10 9.94
C PRO E 345 56.70 -17.66 9.58
N PHE E 346 57.00 -16.37 9.73
CA PHE E 346 58.36 -15.86 9.51
C PHE E 346 59.19 -15.85 10.79
N CYS E 347 58.64 -16.28 11.92
CA CYS E 347 59.32 -16.30 13.20
C CYS E 347 59.24 -17.68 13.85
N GLU E 348 59.31 -18.72 13.02
CA GLU E 348 59.19 -20.08 13.54
C GLU E 348 60.34 -20.42 14.49
N SER E 349 61.56 -20.01 14.14
CA SER E 349 62.72 -20.41 14.93
C SER E 349 62.80 -19.63 16.25
N SER E 350 62.48 -18.34 16.22
CA SER E 350 62.67 -17.46 17.38
C SER E 350 61.46 -17.41 18.30
N CYS E 351 60.29 -17.06 17.76
CA CYS E 351 59.12 -16.88 18.60
C CYS E 351 58.73 -18.19 19.29
N HIS E 352 58.24 -18.07 20.52
CA HIS E 352 57.87 -19.23 21.32
C HIS E 352 56.39 -19.58 21.22
N MET E 353 55.54 -18.66 20.75
CA MET E 353 54.11 -18.90 20.63
C MET E 353 53.51 -19.38 21.95
N PRO E 354 53.42 -18.51 22.95
CA PRO E 354 52.76 -18.91 24.21
C PRO E 354 51.32 -19.33 23.97
N THR E 355 50.91 -20.39 24.67
CA THR E 355 49.60 -20.97 24.44
C THR E 355 48.47 -20.03 24.86
N LEU E 356 48.55 -19.50 26.08
CA LEU E 356 47.45 -18.68 26.60
C LEU E 356 47.26 -17.41 25.76
N LEU E 357 48.35 -16.69 25.51
CA LEU E 357 48.26 -15.48 24.70
C LEU E 357 47.76 -15.80 23.30
N GLY E 358 48.28 -16.87 22.71
CA GLY E 358 47.83 -17.25 21.38
C GLY E 358 46.35 -17.62 21.36
N ALA E 359 45.90 -18.36 22.36
CA ALA E 359 44.49 -18.74 22.42
C ALA E 359 43.59 -17.52 22.58
N ILE E 360 43.98 -16.58 23.44
CA ILE E 360 43.18 -15.37 23.62
C ILE E 360 43.14 -14.58 22.32
N ILE E 361 44.29 -14.44 21.66
CA ILE E 361 44.32 -13.68 20.41
C ILE E 361 43.45 -14.37 19.35
N ASN E 362 43.49 -15.70 19.29
CA ASN E 362 42.67 -16.42 18.33
C ASN E 362 41.18 -16.21 18.61
N TRP E 363 40.79 -16.26 19.88
CA TRP E 363 39.38 -16.08 20.22
C TRP E 363 38.93 -14.63 20.14
N LEU E 364 39.86 -13.68 20.01
CA LEU E 364 39.46 -12.29 19.78
C LEU E 364 38.61 -12.16 18.52
N GLY E 365 38.92 -12.95 17.48
CA GLY E 365 38.12 -12.89 16.27
C GLY E 365 36.69 -13.34 16.48
N TYR E 366 36.50 -14.43 17.22
CA TYR E 366 35.16 -14.88 17.55
C TYR E 366 34.45 -13.87 18.44
N SER E 367 35.19 -13.22 19.32
CA SER E 367 34.61 -12.15 20.13
C SER E 367 34.10 -11.01 19.24
N ASN E 368 34.87 -10.64 18.21
CA ASN E 368 34.41 -9.64 17.27
C ASN E 368 33.17 -10.12 16.52
N SER E 369 33.15 -11.39 16.13
CA SER E 369 31.97 -11.93 15.46
C SER E 369 30.74 -11.79 16.35
N LEU E 370 30.89 -12.06 17.65
CA LEU E 370 29.79 -11.88 18.59
C LEU E 370 29.39 -10.41 18.71
N LEU E 371 30.39 -9.52 18.79
CA LEU E 371 30.12 -8.11 19.09
C LEU E 371 29.56 -7.35 17.92
N ASN E 372 29.85 -7.76 16.69
CA ASN E 372 29.40 -7.01 15.51
C ASN E 372 27.91 -6.72 15.52
N PRO E 373 27.02 -7.68 15.76
CA PRO E 373 25.60 -7.33 15.85
C PRO E 373 25.30 -6.30 16.93
N VAL E 374 25.98 -6.39 18.07
CA VAL E 374 25.72 -5.44 19.15
C VAL E 374 26.01 -4.02 18.68
N ILE E 375 27.12 -3.82 17.99
CA ILE E 375 27.49 -2.48 17.53
C ILE E 375 26.55 -2.02 16.41
N TYR E 376 26.23 -2.91 15.47
CA TYR E 376 25.60 -2.48 14.23
C TYR E 376 24.08 -2.45 14.27
N ALA E 377 23.44 -3.23 15.14
CA ALA E 377 21.99 -3.26 15.22
C ALA E 377 21.47 -2.80 16.57
N TYR E 378 21.95 -3.39 17.67
CA TYR E 378 21.41 -3.07 18.98
C TYR E 378 21.57 -1.59 19.29
N PHE E 379 22.72 -1.01 18.92
CA PHE E 379 22.89 0.44 19.09
C PHE E 379 22.03 1.22 18.11
N ASN E 380 21.71 0.64 16.96
CA ASN E 380 20.90 1.33 15.97
C ASN E 380 19.52 1.64 16.54
N LYS E 381 18.98 2.82 16.19
CA LYS E 381 17.71 3.24 16.73
C LYS E 381 16.55 2.39 16.20
N ASP E 382 16.54 2.14 14.90
CA ASP E 382 15.44 1.40 14.30
C ASP E 382 15.38 -0.02 14.84
N PHE E 383 16.53 -0.67 14.96
CA PHE E 383 16.56 -2.05 15.44
C PHE E 383 16.07 -2.14 16.89
N GLN E 384 16.54 -1.23 17.74
CA GLN E 384 16.10 -1.26 19.14
C GLN E 384 14.61 -0.96 19.24
N ASN E 385 14.11 -0.03 18.42
CA ASN E 385 12.67 0.24 18.42
C ASN E 385 11.88 -0.99 18.00
N ALA E 386 12.37 -1.70 16.97
CA ALA E 386 11.70 -2.91 16.53
C ALA E 386 11.70 -3.98 17.63
N PHE E 387 12.83 -4.13 18.31
CA PHE E 387 12.90 -5.10 19.40
C PHE E 387 11.93 -4.74 20.52
N LYS E 388 11.86 -3.45 20.86
CA LYS E 388 10.92 -3.02 21.89
C LYS E 388 9.48 -3.31 21.47
N LYS E 389 9.14 -3.03 20.21
CA LYS E 389 7.79 -3.30 19.73
C LYS E 389 7.48 -4.79 19.81
N ILE E 390 8.39 -5.63 19.32
CA ILE E 390 8.16 -7.07 19.35
C ILE E 390 8.17 -7.57 20.79
N ILE E 391 9.13 -7.13 21.59
CA ILE E 391 9.24 -7.55 22.98
C ILE E 391 8.43 -6.62 23.86
#